data_9EAH
#
_entry.id   9EAH
#
_cell.length_a   1.00
_cell.length_b   1.00
_cell.length_c   1.00
_cell.angle_alpha   90.00
_cell.angle_beta   90.00
_cell.angle_gamma   90.00
#
_symmetry.space_group_name_H-M   'P 1'
#
loop_
_entity.id
_entity.type
_entity.pdbx_description
1 polymer 'Nanobody AT209,Type-1 angiotensin II receptor,Soluble cytochrome b562'
2 polymer 'BAG2 Anti-BRIL Fab Heavy Chain'
3 polymer 'BAG2 Anti-BRIL Fab Light Chain'
4 non-polymer Olmesartan
5 non-polymer CHOLESTEROL
#
loop_
_entity_poly.entity_id
_entity_poly.type
_entity_poly.pdbx_seq_one_letter_code
_entity_poly.pdbx_strand_id
1 'polypeptide(L)'
;QVQLQESGGGLVQAGGSLRLSCAASGYIFYRYSMGWYRQAPGKEREFVAGISYGATTNYADSVKGRFTISRDNAKNTVYL
QMNSLKPEDTAVYYCAAWGGRTLYFVYWGQGTQVTVSSGGSGEDQVDPRLIDGKILNSSTEDGIKRIQDDCPKAGRHNYI
FVMIPTLYSIIFVVGIFGNSLVVIVIYFYMKLKTVASVFLLNLALADLCFLLTLPLWAVYTAMEYRWPFGNYLCKIASAS
VSFNLYASVFLLTCLSIDRYLAIVHPMKSRLRRTMLVAKVTCIIIWLLAGLASLPAIIHRNVFFIENTNITVCAFHYESQ
NSTLPIGLGLTKNILGFLFPFLIILTSYTLIWKALKKAYDLEDNWETLNDNLKVIEKADNAAQVKDALTKMRAAALDAQK
ATPPKLEDKSPDSPEMKDFRHGFDILVGQIDDALKLANEGKVKEAQAAAEQLKTTRNAYIQKYLERARSTLDKLNDDIFK
IIMAIVLFFFFSWIPHQIFTFLDVLIQLGIIRDCRIADIVDTAMPITICIAYFNNCLNPLFYGFLGKKFKRYFLQLLKYG
GSSLEVLFQGPTETSQVAPA
;
A,B
2 'polypeptide(L)'
;EISEVQLVESGGGLVQPGGSLRLSCAASGFNVVDFSLHWVRQAPGKGLEWVAYISSSSGSTSYADSVKGRFTISADTSKN
TAYLQMNSLRAEDTAVYYCARWGYWPGEPWWKAFDYWGQGTLVTVSSASTKGPSVFPLAPSSKSTSGGTAALGCLVKDYF
PEPVTVSWNSGALTSGVHTFPAVLQSSGLYSLSSVVTVPSSSLGTQTYICNVNHKPSNTKVDKKVEPKSCD
;
C
3 'polypeptide(L)'
;DIQMTQSPSSLSASVGDRVTITCRASQSVSSAVAWYQQKPGKAPKLLIYSASSLYSGVPSRFSGSRSGTDFTLTISSLQP
EDFATYYCQQYLYYSLVTFGQGTKVEIKRTVAAPSVFIFPPSDEQLKSGTASVVCLLNNFYPREAKVQWKVDNALQSGNS
QESVTEQDSKDSTYSLSSTLTLSKADYEKHKVYACEVTHQGLSSPVTKSFNRGEC
;
D
#
# COMPACT_ATOMS: atom_id res chain seq x y z
N PHE A 161 10.74 -34.96 -15.04
CA PHE A 161 10.24 -36.18 -15.65
C PHE A 161 10.50 -36.19 -17.15
N VAL A 162 9.53 -35.71 -17.92
CA VAL A 162 9.67 -35.60 -19.37
C VAL A 162 9.43 -34.19 -19.88
N MET A 163 8.66 -33.36 -19.17
CA MET A 163 8.46 -31.97 -19.57
C MET A 163 9.51 -31.04 -19.00
N ILE A 164 10.15 -31.40 -17.88
CA ILE A 164 11.21 -30.57 -17.33
C ILE A 164 12.35 -30.38 -18.32
N PRO A 165 12.86 -31.42 -19.01
CA PRO A 165 13.87 -31.15 -20.06
C PRO A 165 13.35 -30.25 -21.16
N THR A 166 12.09 -30.40 -21.58
CA THR A 166 11.56 -29.59 -22.67
C THR A 166 11.33 -28.15 -22.22
N LEU A 167 10.75 -27.97 -21.02
CA LEU A 167 10.58 -26.64 -20.48
C LEU A 167 11.93 -25.96 -20.29
N TYR A 168 12.92 -26.69 -19.78
CA TYR A 168 14.25 -26.11 -19.62
C TYR A 168 14.86 -25.73 -20.96
N SER A 169 14.67 -26.57 -21.98
CA SER A 169 15.23 -26.26 -23.31
C SER A 169 14.57 -25.02 -23.91
N ILE A 170 13.25 -24.90 -23.82
CA ILE A 170 12.59 -23.74 -24.39
C ILE A 170 12.96 -22.48 -23.60
N ILE A 171 13.07 -22.59 -22.27
CA ILE A 171 13.56 -21.48 -21.48
C ILE A 171 14.95 -21.07 -21.96
N PHE A 172 15.82 -22.05 -22.17
CA PHE A 172 17.18 -21.74 -22.59
C PHE A 172 17.19 -20.97 -23.90
N VAL A 173 16.52 -21.49 -24.93
CA VAL A 173 16.60 -20.86 -26.24
C VAL A 173 15.94 -19.48 -26.21
N VAL A 174 14.71 -19.39 -25.69
CA VAL A 174 14.00 -18.12 -25.70
C VAL A 174 14.72 -17.09 -24.86
N GLY A 175 15.16 -17.49 -23.66
CA GLY A 175 15.83 -16.55 -22.78
C GLY A 175 17.17 -16.08 -23.30
N ILE A 176 17.96 -16.98 -23.88
CA ILE A 176 19.26 -16.55 -24.39
C ILE A 176 19.08 -15.60 -25.57
N PHE A 177 18.13 -15.89 -26.46
CA PHE A 177 17.88 -15.00 -27.58
C PHE A 177 17.38 -13.63 -27.09
N GLY A 178 16.36 -13.63 -26.23
CA GLY A 178 15.81 -12.37 -25.76
C GLY A 178 16.79 -11.55 -24.95
N ASN A 179 17.56 -12.21 -24.08
CA ASN A 179 18.50 -11.49 -23.24
C ASN A 179 19.69 -10.97 -24.05
N SER A 180 20.12 -11.70 -25.08
CA SER A 180 21.12 -11.14 -25.98
C SER A 180 20.59 -9.89 -26.66
N LEU A 181 19.34 -9.93 -27.12
CA LEU A 181 18.75 -8.74 -27.72
C LEU A 181 18.69 -7.59 -26.73
N VAL A 182 18.28 -7.88 -25.49
CA VAL A 182 18.13 -6.83 -24.48
C VAL A 182 19.49 -6.21 -24.16
N VAL A 183 20.52 -7.03 -23.98
CA VAL A 183 21.86 -6.51 -23.70
C VAL A 183 22.33 -5.65 -24.86
N ILE A 184 22.13 -6.13 -26.09
CA ILE A 184 22.59 -5.38 -27.26
C ILE A 184 21.91 -4.02 -27.32
N VAL A 185 20.59 -3.99 -27.19
CA VAL A 185 19.88 -2.72 -27.33
C VAL A 185 20.23 -1.77 -26.19
N ILE A 186 20.25 -2.27 -24.94
CA ILE A 186 20.53 -1.40 -23.81
C ILE A 186 21.93 -0.81 -23.90
N TYR A 187 22.91 -1.62 -24.30
CA TYR A 187 24.28 -1.11 -24.34
C TYR A 187 24.57 -0.29 -25.58
N PHE A 188 23.82 -0.48 -26.67
CA PHE A 188 24.12 0.22 -27.91
C PHE A 188 23.30 1.49 -28.10
N TYR A 189 21.98 1.42 -27.95
CA TYR A 189 21.11 2.55 -28.25
C TYR A 189 20.68 3.30 -27.01
N MET A 190 20.29 2.58 -25.94
CA MET A 190 20.00 3.23 -24.67
C MET A 190 21.27 3.83 -24.06
N LYS A 191 22.43 3.22 -24.35
CA LYS A 191 23.75 3.76 -24.02
C LYS A 191 23.98 3.95 -22.52
N LEU A 192 23.14 3.33 -21.69
CA LEU A 192 23.30 3.36 -20.23
C LEU A 192 23.29 4.79 -19.69
N LYS A 193 22.45 5.64 -20.26
CA LYS A 193 22.30 7.02 -19.81
C LYS A 193 21.31 7.16 -18.66
N THR A 194 20.72 6.07 -18.21
CA THR A 194 19.79 6.07 -17.09
C THR A 194 20.19 4.99 -16.09
N VAL A 195 19.99 5.29 -14.81
CA VAL A 195 20.33 4.33 -13.76
C VAL A 195 19.52 3.05 -13.92
N ALA A 196 18.25 3.18 -14.32
CA ALA A 196 17.43 2.00 -14.53
C ALA A 196 17.97 1.12 -15.66
N SER A 197 18.69 1.72 -16.61
CA SER A 197 19.27 0.93 -17.69
C SER A 197 20.47 0.11 -17.21
N VAL A 198 21.23 0.64 -16.25
CA VAL A 198 22.36 -0.10 -15.70
C VAL A 198 21.87 -1.33 -14.93
N PHE A 199 20.81 -1.16 -14.13
CA PHE A 199 20.29 -2.30 -13.38
C PHE A 199 19.62 -3.31 -14.30
N LEU A 200 18.93 -2.84 -15.35
CA LEU A 200 18.33 -3.77 -16.29
C LEU A 200 19.40 -4.49 -17.10
N LEU A 201 20.50 -3.81 -17.44
CA LEU A 201 21.60 -4.46 -18.11
C LEU A 201 22.20 -5.56 -17.24
N ASN A 202 22.38 -5.27 -15.94
CA ASN A 202 22.91 -6.29 -15.04
C ASN A 202 21.93 -7.44 -14.85
N LEU A 203 20.63 -7.14 -14.85
CA LEU A 203 19.64 -8.21 -14.76
C LEU A 203 19.71 -9.12 -15.98
N ALA A 204 19.85 -8.52 -17.18
CA ALA A 204 19.98 -9.33 -18.39
C ALA A 204 21.27 -10.14 -18.36
N LEU A 205 22.36 -9.55 -17.86
CA LEU A 205 23.63 -10.28 -17.77
C LEU A 205 23.52 -11.45 -16.80
N ALA A 206 22.86 -11.25 -15.66
CA ALA A 206 22.65 -12.35 -14.72
C ALA A 206 21.78 -13.43 -15.32
N ASP A 207 20.75 -13.04 -16.08
CA ASP A 207 19.91 -14.04 -16.76
C ASP A 207 20.72 -14.83 -17.78
N LEU A 208 21.61 -14.16 -18.51
CA LEU A 208 22.48 -14.88 -19.46
C LEU A 208 23.42 -15.83 -18.74
N CYS A 209 24.00 -15.38 -17.62
CA CYS A 209 24.90 -16.25 -16.86
C CYS A 209 24.17 -17.47 -16.33
N PHE A 210 22.90 -17.31 -15.93
CA PHE A 210 22.11 -18.46 -15.52
C PHE A 210 21.81 -19.37 -16.69
N LEU A 211 21.37 -18.81 -17.82
CA LEU A 211 21.00 -19.63 -18.97
C LEU A 211 22.19 -20.34 -19.60
N LEU A 212 23.41 -19.87 -19.33
CA LEU A 212 24.58 -20.57 -19.86
C LEU A 212 24.68 -21.99 -19.32
N THR A 213 24.43 -22.18 -18.03
CA THR A 213 24.48 -23.49 -17.40
C THR A 213 23.15 -24.23 -17.44
N LEU A 214 22.10 -23.59 -17.93
CA LEU A 214 20.78 -24.25 -17.99
C LEU A 214 20.78 -25.52 -18.83
N PRO A 215 21.44 -25.60 -20.00
CA PRO A 215 21.40 -26.86 -20.75
C PRO A 215 21.92 -28.06 -19.97
N LEU A 216 22.82 -27.85 -19.01
CA LEU A 216 23.31 -28.96 -18.20
C LEU A 216 22.17 -29.60 -17.40
N TRP A 217 21.29 -28.78 -16.84
CA TRP A 217 20.17 -29.33 -16.07
C TRP A 217 19.12 -29.95 -16.97
N ALA A 218 18.97 -29.44 -18.19
CA ALA A 218 18.00 -30.03 -19.12
C ALA A 218 18.39 -31.47 -19.46
N VAL A 219 19.66 -31.70 -19.81
CA VAL A 219 20.10 -33.05 -20.11
C VAL A 219 20.19 -33.89 -18.83
N TYR A 220 20.59 -33.27 -17.71
CA TYR A 220 20.66 -34.00 -16.45
C TYR A 220 19.30 -34.57 -16.05
N THR A 221 18.23 -33.78 -16.23
CA THR A 221 16.90 -34.30 -16.00
C THR A 221 16.45 -35.23 -17.12
N ALA A 222 16.93 -35.00 -18.34
CA ALA A 222 16.53 -35.82 -19.47
C ALA A 222 17.04 -37.25 -19.34
N MET A 223 18.29 -37.41 -18.92
CA MET A 223 18.86 -38.75 -18.74
C MET A 223 18.57 -39.31 -17.36
N GLU A 224 17.29 -39.24 -16.95
CA GLU A 224 16.81 -39.87 -15.72
C GLU A 224 17.69 -39.54 -14.52
N TYR A 225 18.02 -38.26 -14.37
CA TYR A 225 18.82 -37.76 -13.26
C TYR A 225 20.18 -38.46 -13.19
N ARG A 226 20.98 -38.22 -14.23
CA ARG A 226 22.34 -38.73 -14.31
C ARG A 226 23.25 -37.57 -14.69
N TRP A 227 24.35 -37.41 -13.95
CA TRP A 227 25.21 -36.24 -14.12
C TRP A 227 26.57 -36.66 -14.65
N PRO A 228 26.83 -36.49 -15.95
CA PRO A 228 28.15 -36.83 -16.51
C PRO A 228 29.13 -35.67 -16.61
N PHE A 229 28.81 -34.50 -16.05
CA PHE A 229 29.62 -33.31 -16.26
C PHE A 229 30.67 -33.09 -15.18
N GLY A 230 30.69 -33.89 -14.12
CA GLY A 230 31.74 -33.84 -13.13
C GLY A 230 31.39 -32.96 -11.93
N ASN A 231 32.19 -33.13 -10.88
CA ASN A 231 31.96 -32.41 -9.63
C ASN A 231 32.08 -30.90 -9.82
N TYR A 232 33.08 -30.46 -10.60
CA TYR A 232 33.27 -29.03 -10.81
C TYR A 232 32.07 -28.41 -11.50
N LEU A 233 31.54 -29.07 -12.53
CA LEU A 233 30.38 -28.51 -13.22
C LEU A 233 29.12 -28.61 -12.36
N CYS A 234 29.00 -29.64 -11.53
CA CYS A 234 27.89 -29.69 -10.57
C CYS A 234 27.92 -28.47 -9.65
N LYS A 235 29.09 -28.20 -9.06
CA LYS A 235 29.22 -27.03 -8.20
C LYS A 235 28.92 -25.74 -8.95
N ILE A 236 29.46 -25.60 -10.16
CA ILE A 236 29.33 -24.36 -10.92
C ILE A 236 27.87 -24.13 -11.30
N ALA A 237 27.18 -25.18 -11.76
CA ALA A 237 25.79 -25.01 -12.17
C ALA A 237 24.89 -24.70 -10.98
N SER A 238 25.10 -25.38 -9.85
CA SER A 238 24.30 -25.07 -8.66
C SER A 238 24.54 -23.64 -8.20
N ALA A 239 25.81 -23.22 -8.19
CA ALA A 239 26.14 -21.85 -7.81
C ALA A 239 25.51 -20.85 -8.77
N SER A 240 25.50 -21.16 -10.07
CA SER A 240 24.92 -20.26 -11.04
C SER A 240 23.41 -20.11 -10.84
N VAL A 241 22.73 -21.20 -10.52
CA VAL A 241 21.28 -21.13 -10.29
C VAL A 241 20.98 -20.29 -9.04
N SER A 242 21.67 -20.58 -7.94
CA SER A 242 21.44 -19.80 -6.72
C SER A 242 21.82 -18.33 -6.92
N PHE A 243 22.92 -18.09 -7.64
CA PHE A 243 23.33 -16.74 -7.96
C PHE A 243 22.28 -16.02 -8.79
N ASN A 244 21.69 -16.70 -9.76
CA ASN A 244 20.61 -16.09 -10.53
C ASN A 244 19.48 -15.64 -9.62
N LEU A 245 19.04 -16.52 -8.72
CA LEU A 245 17.97 -16.15 -7.80
C LEU A 245 18.33 -14.90 -7.01
N TYR A 246 19.50 -14.92 -6.34
CA TYR A 246 19.81 -13.84 -5.41
C TYR A 246 20.14 -12.53 -6.14
N ALA A 247 20.88 -12.62 -7.25
CA ALA A 247 21.22 -11.42 -8.01
C ALA A 247 19.98 -10.79 -8.62
N SER A 248 19.06 -11.60 -9.18
CA SER A 248 17.82 -11.04 -9.69
C SER A 248 17.02 -10.37 -8.59
N VAL A 249 16.97 -11.01 -7.41
CA VAL A 249 16.25 -10.43 -6.28
C VAL A 249 16.82 -9.06 -5.92
N PHE A 250 18.14 -8.98 -5.76
CA PHE A 250 18.76 -7.74 -5.32
C PHE A 250 18.63 -6.65 -6.39
N LEU A 251 18.80 -7.02 -7.66
CA LEU A 251 18.66 -6.04 -8.73
C LEU A 251 17.23 -5.51 -8.81
N LEU A 252 16.24 -6.38 -8.58
CA LEU A 252 14.86 -5.90 -8.57
C LEU A 252 14.59 -4.97 -7.40
N THR A 253 15.16 -5.27 -6.22
CA THR A 253 15.02 -4.35 -5.09
C THR A 253 15.62 -3.00 -5.39
N CYS A 254 16.81 -2.98 -5.99
CA CYS A 254 17.44 -1.71 -6.33
C CYS A 254 16.67 -0.98 -7.43
N LEU A 255 16.09 -1.71 -8.37
CA LEU A 255 15.25 -1.08 -9.39
C LEU A 255 14.03 -0.42 -8.76
N SER A 256 13.39 -1.10 -7.81
CA SER A 256 12.24 -0.51 -7.14
C SER A 256 12.63 0.73 -6.35
N ILE A 257 13.79 0.67 -5.66
CA ILE A 257 14.26 1.85 -4.93
C ILE A 257 14.54 3.01 -5.88
N ASP A 258 15.17 2.72 -7.02
CA ASP A 258 15.45 3.76 -8.00
C ASP A 258 14.17 4.36 -8.57
N ARG A 259 13.17 3.52 -8.83
CA ARG A 259 11.89 4.03 -9.30
C ARG A 259 11.24 4.92 -8.26
N TYR A 260 11.30 4.53 -6.99
CA TYR A 260 10.76 5.37 -5.93
C TYR A 260 11.48 6.71 -5.87
N LEU A 261 12.80 6.69 -5.98
CA LEU A 261 13.55 7.95 -5.96
C LEU A 261 13.20 8.83 -7.16
N ALA A 262 13.06 8.23 -8.34
CA ALA A 262 12.71 9.01 -9.53
C ALA A 262 11.30 9.60 -9.43
N ILE A 263 10.35 8.84 -8.90
CA ILE A 263 8.98 9.33 -8.81
C ILE A 263 8.86 10.41 -7.74
N VAL A 264 9.44 10.18 -6.57
CA VAL A 264 9.19 11.04 -5.42
C VAL A 264 10.24 12.13 -5.25
N HIS A 265 11.50 11.85 -5.58
CA HIS A 265 12.60 12.79 -5.39
C HIS A 265 13.33 12.98 -6.72
N PRO A 266 12.72 13.70 -7.68
CA PRO A 266 13.34 13.90 -8.99
C PRO A 266 14.61 14.73 -8.91
N THR A 274 24.01 9.86 -11.21
CA THR A 274 24.37 8.94 -10.15
C THR A 274 24.82 7.59 -10.72
N MET A 275 25.71 7.64 -11.71
CA MET A 275 26.19 6.41 -12.32
C MET A 275 27.26 5.71 -11.49
N LEU A 276 28.09 6.47 -10.76
CA LEU A 276 29.13 5.86 -9.95
C LEU A 276 28.51 4.97 -8.88
N VAL A 277 27.51 5.49 -8.16
CA VAL A 277 26.86 4.71 -7.12
C VAL A 277 26.09 3.54 -7.73
N ALA A 278 25.51 3.73 -8.92
CA ALA A 278 24.79 2.65 -9.57
C ALA A 278 25.73 1.48 -9.91
N LYS A 279 26.89 1.80 -10.48
CA LYS A 279 27.82 0.73 -10.84
C LYS A 279 28.43 0.08 -9.61
N VAL A 280 28.74 0.87 -8.58
CA VAL A 280 29.24 0.30 -7.33
C VAL A 280 28.19 -0.62 -6.72
N THR A 281 26.92 -0.22 -6.78
CA THR A 281 25.84 -1.06 -6.28
C THR A 281 25.72 -2.35 -7.09
N CYS A 282 25.89 -2.27 -8.40
CA CYS A 282 25.83 -3.48 -9.22
C CYS A 282 26.96 -4.43 -8.86
N ILE A 283 28.18 -3.91 -8.67
CA ILE A 283 29.31 -4.77 -8.29
C ILE A 283 29.05 -5.39 -6.92
N ILE A 284 28.56 -4.60 -5.97
CA ILE A 284 28.27 -5.12 -4.63
C ILE A 284 27.18 -6.18 -4.69
N ILE A 285 26.17 -5.97 -5.54
CA ILE A 285 25.10 -6.94 -5.69
C ILE A 285 25.63 -8.25 -6.24
N TRP A 286 26.50 -8.18 -7.26
CA TRP A 286 27.07 -9.40 -7.81
C TRP A 286 27.92 -10.12 -6.77
N LEU A 287 28.71 -9.39 -5.99
CA LEU A 287 29.52 -10.02 -4.96
C LEU A 287 28.65 -10.66 -3.88
N LEU A 288 27.59 -9.96 -3.45
CA LEU A 288 26.72 -10.51 -2.42
C LEU A 288 25.95 -11.73 -2.91
N ALA A 289 25.52 -11.71 -4.17
CA ALA A 289 24.84 -12.88 -4.73
C ALA A 289 25.79 -14.05 -4.87
N GLY A 290 27.05 -13.78 -5.22
CA GLY A 290 28.04 -14.86 -5.26
C GLY A 290 28.34 -15.42 -3.88
N LEU A 291 28.35 -14.56 -2.86
CA LEU A 291 28.60 -15.03 -1.50
C LEU A 291 27.39 -15.80 -0.96
N ALA A 292 26.18 -15.40 -1.32
CA ALA A 292 24.99 -16.11 -0.87
C ALA A 292 24.80 -17.44 -1.57
N SER A 293 25.50 -17.66 -2.69
CA SER A 293 25.52 -18.93 -3.38
C SER A 293 26.66 -19.83 -2.93
N LEU A 294 27.37 -19.44 -1.87
CA LEU A 294 28.48 -20.25 -1.38
C LEU A 294 28.08 -21.65 -0.94
N PRO A 295 26.95 -21.87 -0.25
CA PRO A 295 26.57 -23.26 0.06
C PRO A 295 26.44 -24.15 -1.16
N ALA A 296 25.97 -23.61 -2.29
CA ALA A 296 25.93 -24.38 -3.52
C ALA A 296 27.32 -24.73 -4.04
N ILE A 297 28.35 -24.05 -3.56
CA ILE A 297 29.72 -24.37 -3.94
C ILE A 297 30.35 -25.35 -2.97
N ILE A 298 30.07 -25.18 -1.67
CA ILE A 298 30.68 -26.03 -0.66
C ILE A 298 29.98 -27.38 -0.57
N HIS A 299 28.68 -27.37 -0.27
CA HIS A 299 27.92 -28.59 -0.03
C HIS A 299 27.17 -29.01 -1.29
N ARG A 300 27.91 -29.32 -2.34
CA ARG A 300 27.29 -29.80 -3.58
C ARG A 300 28.36 -30.58 -4.35
N ASN A 301 28.28 -31.91 -4.28
CA ASN A 301 29.25 -32.77 -4.95
C ASN A 301 28.51 -33.89 -5.66
N VAL A 302 29.17 -34.45 -6.67
CA VAL A 302 28.61 -35.63 -7.34
C VAL A 302 28.63 -36.81 -6.37
N PHE A 303 27.63 -37.67 -6.50
CA PHE A 303 27.43 -38.77 -5.57
C PHE A 303 27.05 -40.01 -6.35
N PHE A 304 27.93 -41.00 -6.39
CA PHE A 304 27.61 -42.28 -7.00
C PHE A 304 26.62 -43.03 -6.12
N ILE A 305 25.42 -43.27 -6.65
CA ILE A 305 24.36 -43.88 -5.85
C ILE A 305 24.75 -45.31 -5.53
N GLU A 306 25.12 -45.56 -4.27
CA GLU A 306 25.46 -46.90 -3.75
C GLU A 306 26.58 -47.46 -4.62
N ASN A 307 26.49 -48.73 -5.04
CA ASN A 307 27.50 -49.32 -5.90
C ASN A 307 27.14 -49.23 -7.38
N THR A 308 25.99 -48.64 -7.71
CA THR A 308 25.59 -48.50 -9.10
C THR A 308 26.42 -47.41 -9.77
N ASN A 309 26.31 -47.35 -11.10
CA ASN A 309 27.02 -46.37 -11.91
C ASN A 309 26.26 -45.05 -12.04
N ILE A 310 25.06 -44.95 -11.46
CA ILE A 310 24.29 -43.72 -11.54
C ILE A 310 24.95 -42.65 -10.69
N THR A 311 25.21 -41.49 -11.30
CA THR A 311 25.81 -40.35 -10.61
C THR A 311 24.81 -39.20 -10.60
N VAL A 312 24.75 -38.50 -9.47
CA VAL A 312 23.83 -37.38 -9.31
C VAL A 312 24.60 -36.21 -8.70
N CYS A 313 24.10 -35.00 -8.96
CA CYS A 313 24.66 -33.78 -8.39
C CYS A 313 23.88 -33.50 -7.11
N ALA A 314 24.37 -34.03 -5.99
CA ALA A 314 23.66 -34.04 -4.72
C ALA A 314 24.16 -32.95 -3.80
N PHE A 315 23.36 -32.65 -2.78
CA PHE A 315 23.69 -31.66 -1.76
C PHE A 315 24.12 -32.40 -0.50
N HIS A 316 25.39 -32.28 -0.14
CA HIS A 316 25.96 -33.05 0.96
C HIS A 316 25.86 -32.30 2.27
N TYR A 317 25.74 -33.06 3.36
CA TYR A 317 25.75 -32.50 4.70
C TYR A 317 26.78 -33.20 5.58
N GLU A 318 26.78 -32.89 6.87
CA GLU A 318 27.65 -33.54 7.83
C GLU A 318 26.84 -33.82 9.10
N SER A 319 27.52 -34.37 10.10
CA SER A 319 26.86 -34.57 11.39
C SER A 319 26.70 -33.26 12.14
N GLN A 320 27.73 -32.42 12.13
CA GLN A 320 27.63 -31.13 12.79
C GLN A 320 26.61 -30.22 12.10
N ASN A 321 26.60 -30.22 10.78
CA ASN A 321 25.68 -29.37 10.01
C ASN A 321 24.32 -30.05 9.82
N SER A 322 23.72 -30.49 10.94
CA SER A 322 22.41 -31.10 10.85
C SER A 322 21.32 -30.06 10.62
N THR A 323 21.55 -28.82 11.05
CA THR A 323 20.61 -27.73 10.82
C THR A 323 20.92 -26.96 9.54
N LEU A 324 21.93 -27.37 8.79
CA LEU A 324 22.19 -26.74 7.50
C LEU A 324 21.01 -26.82 6.53
N PRO A 325 20.31 -27.94 6.37
CA PRO A 325 19.13 -27.93 5.49
C PRO A 325 18.07 -26.94 5.92
N ILE A 326 17.96 -26.67 7.23
CA ILE A 326 17.10 -25.58 7.68
C ILE A 326 17.66 -24.24 7.22
N GLY A 327 18.98 -24.05 7.34
CA GLY A 327 19.57 -22.79 6.95
C GLY A 327 19.42 -22.50 5.47
N LEU A 328 19.62 -23.52 4.63
CA LEU A 328 19.49 -23.33 3.19
C LEU A 328 18.06 -22.98 2.81
N GLY A 329 17.08 -23.68 3.38
CA GLY A 329 15.69 -23.41 3.06
C GLY A 329 15.20 -22.06 3.58
N LEU A 330 15.63 -21.70 4.80
CA LEU A 330 15.21 -20.43 5.37
C LEU A 330 15.89 -19.26 4.69
N THR A 331 17.14 -19.44 4.24
CA THR A 331 17.83 -18.36 3.54
C THR A 331 17.10 -17.98 2.26
N LYS A 332 16.56 -18.96 1.54
CA LYS A 332 15.80 -18.65 0.33
C LYS A 332 14.57 -17.83 0.67
N ASN A 333 13.80 -18.24 1.68
CA ASN A 333 12.58 -17.53 2.03
C ASN A 333 12.87 -16.11 2.50
N ILE A 334 13.91 -15.94 3.32
CA ILE A 334 14.17 -14.64 3.93
C ILE A 334 14.90 -13.73 2.96
N LEU A 335 16.07 -14.14 2.50
CA LEU A 335 16.92 -13.31 1.65
C LEU A 335 16.51 -13.35 0.18
N GLY A 336 15.51 -14.15 -0.18
CA GLY A 336 15.08 -14.19 -1.57
C GLY A 336 13.66 -13.71 -1.75
N PHE A 337 12.82 -13.90 -0.74
CA PHE A 337 11.44 -13.44 -0.84
C PHE A 337 11.05 -12.47 0.26
N LEU A 338 11.32 -12.79 1.52
CA LEU A 338 10.70 -12.06 2.62
C LEU A 338 11.19 -10.63 2.70
N PHE A 339 12.48 -10.44 2.99
CA PHE A 339 13.01 -9.07 3.10
C PHE A 339 12.92 -8.30 1.80
N PRO A 340 13.31 -8.84 0.64
CA PRO A 340 13.19 -8.05 -0.60
C PRO A 340 11.77 -7.63 -0.93
N PHE A 341 10.77 -8.47 -0.65
CA PHE A 341 9.40 -8.10 -0.95
C PHE A 341 8.91 -6.97 -0.08
N LEU A 342 9.49 -6.82 1.12
CA LEU A 342 9.16 -5.66 1.96
C LEU A 342 9.62 -4.37 1.30
N ILE A 343 10.82 -4.36 0.72
CA ILE A 343 11.34 -3.16 0.09
C ILE A 343 10.55 -2.84 -1.17
N ILE A 344 10.15 -3.85 -1.93
CA ILE A 344 9.30 -3.62 -3.10
C ILE A 344 7.96 -3.05 -2.67
N LEU A 345 7.37 -3.61 -1.60
CA LEU A 345 6.13 -3.06 -1.09
C LEU A 345 6.32 -1.66 -0.53
N THR A 346 7.41 -1.44 0.20
CA THR A 346 7.68 -0.12 0.76
C THR A 346 7.85 0.93 -0.34
N SER A 347 8.61 0.59 -1.37
CA SER A 347 8.86 1.56 -2.44
C SER A 347 7.60 1.81 -3.26
N TYR A 348 6.88 0.75 -3.62
CA TYR A 348 5.70 0.93 -4.47
C TYR A 348 4.51 1.48 -3.70
N THR A 349 4.52 1.40 -2.37
CA THR A 349 3.49 2.09 -1.60
C THR A 349 3.77 3.59 -1.55
N LEU A 350 5.02 3.99 -1.35
CA LEU A 350 5.37 5.40 -1.37
C LEU A 350 5.22 5.99 -2.76
N ILE A 351 5.44 5.18 -3.80
CA ILE A 351 5.14 5.63 -5.15
C ILE A 351 3.66 5.89 -5.32
N TRP A 352 2.82 4.99 -4.79
CA TRP A 352 1.38 5.17 -4.88
C TRP A 352 0.91 6.38 -4.08
N LYS A 353 1.50 6.61 -2.91
CA LYS A 353 1.14 7.77 -2.11
C LYS A 353 1.48 9.06 -2.83
N ALA A 354 2.66 9.11 -3.47
CA ALA A 354 3.04 10.31 -4.22
C ALA A 354 2.16 10.49 -5.45
N LEU A 355 1.79 9.37 -6.11
CA LEU A 355 0.93 9.47 -7.28
C LEU A 355 -0.50 9.81 -6.90
N LYS A 356 -0.92 9.50 -5.67
CA LYS A 356 -2.26 9.87 -5.23
C LYS A 356 -2.36 11.38 -5.00
N LYS A 357 -1.37 11.96 -4.31
CA LYS A 357 -1.38 13.40 -4.06
C LYS A 357 -0.97 14.20 -5.28
N ALA A 358 -0.30 13.58 -6.26
CA ALA A 358 -0.07 14.25 -7.53
C ALA A 358 -1.32 14.26 -8.39
N TYR A 359 -2.20 13.27 -8.21
CA TYR A 359 -3.47 13.23 -8.93
C TYR A 359 -4.58 13.97 -8.20
N ASP A 360 -4.53 14.03 -6.87
CA ASP A 360 -5.50 14.82 -6.13
C ASP A 360 -5.38 16.30 -6.48
N LEU A 361 -4.16 16.81 -6.56
CA LEU A 361 -3.97 18.21 -6.94
C LEU A 361 -4.34 18.45 -8.39
N GLU A 362 -4.04 17.47 -9.27
CA GLU A 362 -4.34 17.64 -10.68
C GLU A 362 -5.84 17.50 -10.96
N ASP A 363 -6.49 16.54 -10.31
CA ASP A 363 -7.92 16.35 -10.54
C ASP A 363 -8.75 17.49 -9.95
N ASN A 364 -8.38 17.93 -8.75
CA ASN A 364 -9.11 19.05 -8.13
C ASN A 364 -8.96 20.32 -8.95
N TRP A 365 -7.75 20.58 -9.47
CA TRP A 365 -7.56 21.79 -10.27
C TRP A 365 -8.32 21.72 -11.57
N GLU A 366 -8.51 20.53 -12.14
CA GLU A 366 -9.32 20.41 -13.34
C GLU A 366 -10.77 20.78 -13.07
N THR A 367 -11.30 20.36 -11.91
CA THR A 367 -12.63 20.79 -11.53
C THR A 367 -12.68 22.30 -11.32
N LEU A 368 -11.61 22.87 -10.74
CA LEU A 368 -11.54 24.31 -10.59
C LEU A 368 -11.38 25.00 -11.94
N ASN A 369 -10.69 24.36 -12.88
CA ASN A 369 -10.47 24.95 -14.19
C ASN A 369 -11.65 24.73 -15.13
N ASP A 370 -12.33 23.59 -15.03
CA ASP A 370 -13.50 23.35 -15.88
C ASP A 370 -14.61 24.35 -15.59
N ASN A 371 -14.86 24.63 -14.31
CA ASN A 371 -15.91 25.58 -13.95
C ASN A 371 -15.49 27.03 -14.16
N LEU A 372 -14.19 27.29 -14.29
CA LEU A 372 -13.74 28.64 -14.61
C LEU A 372 -14.05 29.02 -16.05
N LYS A 373 -14.17 28.03 -16.94
CA LYS A 373 -14.63 28.30 -18.29
C LYS A 373 -16.14 28.55 -18.32
N VAL A 374 -16.87 27.97 -17.38
CA VAL A 374 -18.32 28.16 -17.32
C VAL A 374 -18.66 29.59 -16.93
N ILE A 375 -17.88 30.19 -16.03
CA ILE A 375 -18.18 31.53 -15.56
C ILE A 375 -18.07 32.55 -16.70
N GLU A 376 -16.98 32.47 -17.47
CA GLU A 376 -16.81 33.39 -18.59
C GLU A 376 -17.79 33.11 -19.72
N LYS A 377 -18.42 31.94 -19.73
CA LYS A 377 -19.37 31.57 -20.77
C LYS A 377 -20.80 31.89 -20.37
N ALA A 378 -21.15 31.71 -19.09
CA ALA A 378 -22.51 31.97 -18.64
C ALA A 378 -22.77 33.47 -18.58
N ASP A 379 -24.04 33.84 -18.68
CA ASP A 379 -24.47 35.23 -18.68
C ASP A 379 -25.63 35.45 -17.73
N ASN A 380 -25.53 34.89 -16.51
CA ASN A 380 -26.53 35.11 -15.49
C ASN A 380 -25.89 34.85 -14.13
N ALA A 381 -26.54 35.37 -13.08
CA ALA A 381 -25.99 35.25 -11.73
C ALA A 381 -26.12 33.82 -11.20
N ALA A 382 -27.19 33.11 -11.57
CA ALA A 382 -27.41 31.77 -11.04
C ALA A 382 -26.33 30.81 -11.50
N GLN A 383 -25.98 30.84 -12.78
CA GLN A 383 -24.97 29.91 -13.30
C GLN A 383 -23.58 30.22 -12.77
N VAL A 384 -23.29 31.50 -12.52
CA VAL A 384 -21.98 31.88 -11.99
C VAL A 384 -21.84 31.42 -10.54
N LYS A 385 -22.87 31.64 -9.73
CA LYS A 385 -22.81 31.22 -8.34
C LYS A 385 -22.68 29.71 -8.20
N ASP A 386 -23.40 28.96 -9.04
CA ASP A 386 -23.27 27.50 -9.02
C ASP A 386 -21.90 27.05 -9.48
N ALA A 387 -21.26 27.80 -10.38
CA ALA A 387 -19.92 27.45 -10.82
C ALA A 387 -18.89 27.78 -9.75
N LEU A 388 -19.03 28.92 -9.08
CA LEU A 388 -18.10 29.27 -8.01
C LEU A 388 -18.23 28.35 -6.81
N THR A 389 -19.41 27.75 -6.61
CA THR A 389 -19.59 26.83 -5.51
C THR A 389 -18.71 25.59 -5.67
N LYS A 390 -18.64 25.05 -6.88
CA LYS A 390 -17.80 23.89 -7.15
C LYS A 390 -16.33 24.25 -7.33
N MET A 391 -16.02 25.53 -7.56
CA MET A 391 -14.64 25.97 -7.58
C MET A 391 -14.07 26.13 -6.18
N ARG A 392 -14.91 26.56 -5.23
CA ARG A 392 -14.44 26.73 -3.86
C ARG A 392 -14.19 25.38 -3.19
N ALA A 393 -15.06 24.41 -3.45
CA ALA A 393 -14.86 23.07 -2.88
C ALA A 393 -13.63 22.39 -3.47
N ALA A 394 -13.34 22.64 -4.75
CA ALA A 394 -12.14 22.07 -5.36
C ALA A 394 -10.89 22.77 -4.87
N ALA A 395 -10.96 24.08 -4.64
CA ALA A 395 -9.80 24.81 -4.13
C ALA A 395 -9.46 24.37 -2.72
N LEU A 396 -10.47 24.10 -1.89
CA LEU A 396 -10.22 23.60 -0.54
C LEU A 396 -9.62 22.20 -0.58
N ASP A 397 -10.13 21.33 -1.47
CA ASP A 397 -9.59 19.98 -1.59
C ASP A 397 -8.16 20.01 -2.11
N ALA A 398 -7.87 20.86 -3.09
CA ALA A 398 -6.52 20.94 -3.64
C ALA A 398 -5.51 21.42 -2.61
N GLN A 399 -5.94 22.32 -1.71
CA GLN A 399 -5.04 22.81 -0.68
C GLN A 399 -4.60 21.69 0.26
N LYS A 400 -5.41 20.65 0.40
CA LYS A 400 -5.04 19.52 1.24
C LYS A 400 -4.01 18.61 0.58
N ALA A 401 -4.02 18.53 -0.75
CA ALA A 401 -3.12 17.64 -1.49
C ALA A 401 -1.73 18.26 -1.54
N THR A 402 -1.09 18.30 -0.37
CA THR A 402 0.26 18.85 -0.28
C THR A 402 1.25 17.88 -0.92
N PRO A 403 2.05 18.32 -1.88
CA PRO A 403 3.00 17.42 -2.53
C PRO A 403 4.02 16.89 -1.54
N PRO A 404 4.40 15.61 -1.66
CA PRO A 404 5.37 14.98 -0.76
C PRO A 404 6.78 15.52 -0.95
N GLU A 415 8.59 26.13 2.88
CA GLU A 415 8.14 25.50 1.64
C GLU A 415 6.70 25.01 1.78
N MET A 416 6.31 24.67 3.01
CA MET A 416 4.94 24.24 3.26
C MET A 416 3.97 25.41 3.13
N LYS A 417 4.36 26.57 3.66
CA LYS A 417 3.48 27.74 3.60
C LYS A 417 3.28 28.22 2.17
N ASP A 418 4.26 28.01 1.29
CA ASP A 418 4.12 28.46 -0.09
C ASP A 418 2.96 27.75 -0.78
N PHE A 419 2.80 26.44 -0.53
CA PHE A 419 1.67 25.72 -1.09
C PHE A 419 0.36 26.13 -0.44
N ARG A 420 0.36 26.28 0.89
CA ARG A 420 -0.87 26.62 1.59
C ARG A 420 -1.29 28.06 1.32
N HIS A 421 -0.34 29.00 1.35
CA HIS A 421 -0.68 30.39 1.07
C HIS A 421 -1.05 30.61 -0.38
N GLY A 422 -0.67 29.70 -1.27
CA GLY A 422 -1.09 29.80 -2.66
C GLY A 422 -2.58 29.63 -2.82
N PHE A 423 -3.20 28.77 -2.00
CA PHE A 423 -4.63 28.56 -2.05
C PHE A 423 -5.39 29.41 -1.05
N ASP A 424 -4.72 29.95 -0.02
CA ASP A 424 -5.37 30.93 0.84
C ASP A 424 -5.71 32.19 0.05
N ILE A 425 -4.82 32.60 -0.85
CA ILE A 425 -5.13 33.69 -1.77
C ILE A 425 -6.19 33.26 -2.77
N LEU A 426 -6.13 32.02 -3.23
CA LEU A 426 -7.03 31.55 -4.28
C LEU A 426 -8.47 31.47 -3.80
N VAL A 427 -8.69 30.86 -2.64
CA VAL A 427 -10.06 30.78 -2.11
C VAL A 427 -10.56 32.15 -1.70
N GLY A 428 -9.64 33.07 -1.38
CA GLY A 428 -10.04 34.44 -1.07
C GLY A 428 -10.55 35.21 -2.26
N GLN A 429 -10.20 34.79 -3.47
CA GLN A 429 -10.72 35.42 -4.68
C GLN A 429 -12.00 34.77 -5.17
N ILE A 430 -12.21 33.49 -4.84
CA ILE A 430 -13.50 32.87 -5.13
C ILE A 430 -14.58 33.45 -4.22
N ASP A 431 -14.24 33.74 -2.97
CA ASP A 431 -15.18 34.37 -2.06
C ASP A 431 -15.56 35.77 -2.54
N ASP A 432 -14.56 36.55 -2.98
CA ASP A 432 -14.86 37.88 -3.50
C ASP A 432 -15.72 37.81 -4.75
N ALA A 433 -15.52 36.78 -5.56
CA ALA A 433 -16.39 36.56 -6.71
C ALA A 433 -17.73 35.96 -6.28
N LEU A 434 -17.76 35.22 -5.18
CA LEU A 434 -19.01 34.64 -4.70
C LEU A 434 -19.90 35.69 -4.05
N LYS A 435 -19.33 36.71 -3.41
CA LYS A 435 -20.13 37.78 -2.84
C LYS A 435 -20.43 38.88 -3.83
N LEU A 436 -19.95 38.77 -5.08
CA LEU A 436 -20.37 39.64 -6.16
C LEU A 436 -21.45 39.00 -7.02
N ALA A 437 -21.45 37.68 -7.15
CA ALA A 437 -22.53 36.99 -7.84
C ALA A 437 -23.80 36.92 -6.99
N ASN A 438 -23.66 37.00 -5.66
CA ASN A 438 -24.83 37.01 -4.79
C ASN A 438 -25.63 38.29 -4.92
N GLU A 439 -25.04 39.36 -5.44
CA GLU A 439 -25.73 40.61 -5.68
C GLU A 439 -26.25 40.72 -7.11
N GLY A 440 -26.15 39.65 -7.89
CA GLY A 440 -26.55 39.67 -9.29
C GLY A 440 -25.68 40.56 -10.16
N LYS A 441 -24.38 40.62 -9.88
CA LYS A 441 -23.43 41.40 -10.67
C LYS A 441 -22.56 40.41 -11.45
N VAL A 442 -23.06 40.01 -12.62
CA VAL A 442 -22.35 39.03 -13.43
C VAL A 442 -21.05 39.62 -13.97
N LYS A 443 -21.06 40.90 -14.31
CA LYS A 443 -19.86 41.53 -14.87
C LYS A 443 -18.71 41.51 -13.87
N GLU A 444 -18.99 41.82 -12.61
CA GLU A 444 -17.94 41.77 -11.59
C GLU A 444 -17.69 40.35 -11.10
N ALA A 445 -18.67 39.46 -11.22
CA ALA A 445 -18.45 38.07 -10.83
C ALA A 445 -17.55 37.36 -11.83
N GLN A 446 -17.69 37.67 -13.13
CA GLN A 446 -16.80 37.10 -14.12
C GLN A 446 -15.44 37.77 -14.10
N ALA A 447 -15.40 39.08 -13.82
CA ALA A 447 -14.13 39.80 -13.78
C ALA A 447 -13.27 39.32 -12.62
N ALA A 448 -13.88 39.08 -11.45
CA ALA A 448 -13.11 38.60 -10.31
C ALA A 448 -12.76 37.12 -10.46
N ALA A 449 -13.57 36.36 -11.19
CA ALA A 449 -13.24 34.97 -11.45
C ALA A 449 -11.99 34.84 -12.31
N GLU A 450 -11.84 35.73 -13.29
CA GLU A 450 -10.66 35.72 -14.16
C GLU A 450 -9.39 36.15 -13.43
N GLN A 451 -9.50 36.66 -12.20
CA GLN A 451 -8.33 37.02 -11.42
C GLN A 451 -7.65 35.80 -10.79
N LEU A 452 -8.26 34.61 -10.88
CA LEU A 452 -7.62 33.40 -10.40
C LEU A 452 -6.46 32.97 -11.29
N LYS A 453 -6.36 33.53 -12.50
CA LYS A 453 -5.21 33.25 -13.36
C LYS A 453 -3.92 33.80 -12.74
N THR A 454 -3.99 35.00 -12.16
CA THR A 454 -2.80 35.62 -11.59
C THR A 454 -2.30 34.87 -10.37
N THR A 455 -3.22 34.37 -9.54
CA THR A 455 -2.81 33.62 -8.37
C THR A 455 -2.23 32.26 -8.74
N ARG A 456 -2.79 31.63 -9.78
CA ARG A 456 -2.29 30.32 -10.21
C ARG A 456 -0.83 30.40 -10.65
N ASN A 457 -0.50 31.39 -11.48
CA ASN A 457 0.85 31.47 -12.01
C ASN A 457 1.86 31.87 -10.95
N ALA A 458 1.46 32.72 -9.99
CA ALA A 458 2.41 33.23 -9.01
C ALA A 458 2.75 32.20 -7.95
N TYR A 459 1.79 31.36 -7.55
CA TYR A 459 1.99 30.45 -6.44
C TYR A 459 1.74 29.00 -6.79
N ILE A 460 0.74 28.69 -7.61
CA ILE A 460 0.23 27.34 -7.74
C ILE A 460 0.82 26.65 -8.97
N GLN A 461 1.11 27.44 -10.02
CA GLN A 461 1.57 26.84 -11.27
C GLN A 461 2.87 26.07 -11.10
N LYS A 462 3.71 26.48 -10.16
CA LYS A 462 4.95 25.75 -9.92
C LYS A 462 4.71 24.37 -9.31
N TYR A 463 3.50 24.12 -8.79
CA TYR A 463 3.16 22.82 -8.22
C TYR A 463 2.30 21.97 -9.14
N LEU A 464 1.60 22.58 -10.10
CA LEU A 464 0.87 21.79 -11.08
C LEU A 464 1.80 21.16 -12.10
N GLU A 465 2.97 21.77 -12.33
CA GLU A 465 3.97 21.14 -13.18
C GLU A 465 4.63 19.97 -12.47
N ARG A 466 4.99 20.15 -11.19
CA ARG A 466 5.57 19.07 -10.41
C ARG A 466 4.57 17.93 -10.20
N ALA A 467 3.28 18.25 -10.17
CA ALA A 467 2.26 17.21 -10.10
C ALA A 467 2.08 16.52 -11.45
N ARG A 468 2.20 17.27 -12.54
CA ARG A 468 2.08 16.67 -13.87
C ARG A 468 3.32 15.86 -14.23
N SER A 469 4.50 16.33 -13.82
CA SER A 469 5.73 15.59 -14.09
C SER A 469 5.76 14.27 -13.33
N THR A 470 5.29 14.26 -12.10
CA THR A 470 5.22 13.01 -11.35
C THR A 470 4.13 12.10 -11.91
N LEU A 471 3.02 12.67 -12.40
CA LEU A 471 1.90 11.86 -12.84
C LEU A 471 2.16 11.17 -14.17
N ASP A 472 2.94 11.79 -15.06
CA ASP A 472 3.20 11.18 -16.36
C ASP A 472 4.45 10.31 -16.38
N LYS A 473 5.21 10.26 -15.29
CA LYS A 473 6.27 9.27 -15.18
C LYS A 473 5.72 7.86 -15.05
N LEU A 474 4.49 7.72 -14.56
CA LEU A 474 3.83 6.41 -14.57
C LEU A 474 3.58 5.94 -16.00
N ASN A 475 3.43 6.88 -16.94
CA ASN A 475 3.24 6.54 -18.34
C ASN A 475 4.55 6.16 -19.04
N ASP A 476 5.69 6.41 -18.40
CA ASP A 476 6.97 6.02 -18.99
C ASP A 476 7.03 4.51 -19.17
N ASP A 477 7.55 4.08 -20.32
CA ASP A 477 7.56 2.65 -20.62
C ASP A 477 8.54 1.89 -19.72
N ILE A 478 9.57 2.56 -19.22
CA ILE A 478 10.50 1.92 -18.30
C ILE A 478 9.79 1.57 -16.99
N PHE A 479 8.87 2.43 -16.56
CA PHE A 479 8.09 2.12 -15.36
C PHE A 479 7.23 0.89 -15.57
N LYS A 480 6.63 0.75 -16.75
CA LYS A 480 5.85 -0.45 -17.05
C LYS A 480 6.74 -1.69 -17.09
N ILE A 481 7.92 -1.58 -17.70
CA ILE A 481 8.83 -2.73 -17.81
C ILE A 481 9.28 -3.17 -16.43
N ILE A 482 9.73 -2.22 -15.61
CA ILE A 482 10.23 -2.57 -14.27
C ILE A 482 9.12 -3.16 -13.42
N MET A 483 7.93 -2.56 -13.46
CA MET A 483 6.82 -3.07 -12.66
C MET A 483 6.40 -4.46 -13.13
N ALA A 484 6.39 -4.70 -14.44
CA ALA A 484 6.04 -6.02 -14.95
C ALA A 484 7.08 -7.06 -14.56
N ILE A 485 8.37 -6.70 -14.64
CA ILE A 485 9.42 -7.63 -14.26
C ILE A 485 9.36 -7.93 -12.77
N VAL A 486 9.17 -6.89 -11.94
CA VAL A 486 9.08 -7.10 -10.50
C VAL A 486 7.84 -7.90 -10.14
N LEU A 487 6.71 -7.59 -10.79
CA LEU A 487 5.46 -8.27 -10.44
C LEU A 487 5.49 -9.75 -10.81
N PHE A 488 6.03 -10.07 -12.00
CA PHE A 488 6.04 -11.46 -12.43
C PHE A 488 7.09 -12.28 -11.71
N PHE A 489 8.23 -11.69 -11.36
CA PHE A 489 9.28 -12.43 -10.68
C PHE A 489 8.81 -12.93 -9.33
N PHE A 490 8.14 -12.07 -8.55
CA PHE A 490 7.69 -12.48 -7.23
C PHE A 490 6.48 -13.40 -7.31
N PHE A 491 5.63 -13.23 -8.33
CA PHE A 491 4.50 -14.14 -8.49
C PHE A 491 4.97 -15.52 -8.95
N SER A 492 5.99 -15.58 -9.80
CA SER A 492 6.49 -16.88 -10.24
C SER A 492 7.23 -17.61 -9.12
N TRP A 493 7.84 -16.87 -8.20
CA TRP A 493 8.55 -17.48 -7.08
C TRP A 493 7.64 -17.77 -5.89
N ILE A 494 6.39 -17.33 -5.92
CA ILE A 494 5.48 -17.62 -4.81
C ILE A 494 5.27 -19.12 -4.60
N PRO A 495 4.96 -19.92 -5.63
CA PRO A 495 4.79 -21.36 -5.38
C PRO A 495 6.03 -22.04 -4.84
N HIS A 496 7.22 -21.61 -5.26
CA HIS A 496 8.43 -22.28 -4.80
C HIS A 496 8.76 -21.91 -3.36
N GLN A 497 8.60 -20.63 -3.00
CA GLN A 497 8.88 -20.23 -1.62
C GLN A 497 7.90 -20.86 -0.64
N ILE A 498 6.67 -21.14 -1.09
CA ILE A 498 5.70 -21.81 -0.23
C ILE A 498 6.13 -23.24 0.06
N PHE A 499 6.50 -23.98 -0.98
CA PHE A 499 6.89 -25.37 -0.79
C PHE A 499 8.26 -25.49 -0.14
N THR A 500 9.13 -24.49 -0.34
CA THR A 500 10.36 -24.44 0.44
C THR A 500 10.07 -24.26 1.92
N PHE A 501 9.10 -23.42 2.25
CA PHE A 501 8.73 -23.21 3.65
C PHE A 501 8.07 -24.44 4.24
N LEU A 502 7.30 -25.19 3.44
CA LEU A 502 6.75 -26.44 3.93
C LEU A 502 7.85 -27.47 4.17
N ASP A 503 8.86 -27.49 3.30
CA ASP A 503 9.96 -28.44 3.45
C ASP A 503 10.73 -28.19 4.74
N VAL A 504 10.99 -26.92 5.08
CA VAL A 504 11.75 -26.64 6.29
C VAL A 504 10.94 -26.95 7.54
N LEU A 505 9.62 -26.80 7.46
CA LEU A 505 8.77 -27.21 8.59
C LEU A 505 8.85 -28.72 8.79
N ILE A 506 8.85 -29.49 7.70
CA ILE A 506 9.00 -30.93 7.80
C ILE A 506 10.34 -31.30 8.42
N GLN A 507 11.41 -30.61 7.99
CA GLN A 507 12.71 -30.84 8.59
C GLN A 507 12.71 -30.48 10.07
N LEU A 508 12.01 -29.41 10.44
CA LEU A 508 11.85 -29.07 11.85
C LEU A 508 10.93 -30.04 12.57
N GLY A 509 10.17 -30.84 11.84
CA GLY A 509 9.20 -31.73 12.45
C GLY A 509 7.91 -31.07 12.85
N ILE A 510 7.71 -29.80 12.52
CA ILE A 510 6.44 -29.13 12.83
C ILE A 510 5.29 -29.81 12.11
N ILE A 511 5.49 -30.16 10.85
CA ILE A 511 4.52 -30.90 10.05
C ILE A 511 5.00 -32.34 9.96
N ARG A 512 4.28 -33.26 10.59
CA ARG A 512 4.64 -34.68 10.63
C ARG A 512 3.49 -35.47 10.04
N ASP A 513 3.53 -35.66 8.71
CA ASP A 513 2.52 -36.42 8.01
C ASP A 513 3.09 -36.85 6.66
N CYS A 514 3.01 -38.15 6.36
CA CYS A 514 3.57 -38.64 5.10
C CYS A 514 2.79 -38.15 3.90
N ARG A 515 1.49 -37.90 4.06
CA ARG A 515 0.68 -37.40 2.94
C ARG A 515 1.13 -36.02 2.50
N ILE A 516 1.40 -35.13 3.46
CA ILE A 516 1.83 -33.79 3.12
C ILE A 516 3.24 -33.79 2.52
N ALA A 517 4.11 -34.65 3.04
CA ALA A 517 5.49 -34.69 2.56
C ALA A 517 5.56 -35.10 1.11
N ASP A 518 4.77 -36.09 0.69
CA ASP A 518 4.83 -36.54 -0.70
C ASP A 518 4.34 -35.47 -1.66
N ILE A 519 3.38 -34.64 -1.24
CA ILE A 519 2.94 -33.54 -2.09
C ILE A 519 4.06 -32.53 -2.28
N VAL A 520 4.79 -32.21 -1.20
CA VAL A 520 5.90 -31.26 -1.30
C VAL A 520 6.99 -31.79 -2.22
N ASP A 521 7.31 -33.09 -2.08
CA ASP A 521 8.39 -33.66 -2.89
C ASP A 521 8.01 -33.73 -4.36
N THR A 522 6.74 -34.05 -4.66
CA THR A 522 6.31 -34.18 -6.05
C THR A 522 6.05 -32.84 -6.71
N ALA A 523 6.01 -31.75 -5.95
CA ALA A 523 5.79 -30.42 -6.51
C ALA A 523 7.03 -29.55 -6.54
N MET A 524 8.08 -29.94 -5.81
CA MET A 524 9.32 -29.14 -5.82
C MET A 524 9.93 -29.01 -7.20
N PRO A 525 10.10 -30.08 -8.00
CA PRO A 525 10.65 -29.88 -9.35
C PRO A 525 9.78 -29.03 -10.25
N ILE A 526 8.45 -29.11 -10.08
CA ILE A 526 7.56 -28.30 -10.91
C ILE A 526 7.69 -26.83 -10.54
N THR A 527 7.69 -26.52 -9.24
CA THR A 527 7.80 -25.14 -8.80
C THR A 527 9.18 -24.56 -9.09
N ILE A 528 10.22 -25.41 -9.06
CA ILE A 528 11.57 -24.94 -9.37
C ILE A 528 11.71 -24.58 -10.83
N CYS A 529 10.82 -25.07 -11.69
CA CYS A 529 10.82 -24.71 -13.11
C CYS A 529 10.01 -23.46 -13.38
N ILE A 530 8.88 -23.28 -12.68
CA ILE A 530 8.11 -22.05 -12.80
C ILE A 530 8.88 -20.88 -12.23
N ALA A 531 9.64 -21.12 -11.16
CA ALA A 531 10.39 -20.04 -10.51
C ALA A 531 11.41 -19.42 -11.46
N TYR A 532 12.09 -20.25 -12.26
CA TYR A 532 13.11 -19.78 -13.17
C TYR A 532 12.59 -19.60 -14.59
N PHE A 533 11.27 -19.61 -14.79
CA PHE A 533 10.72 -19.34 -16.11
C PHE A 533 10.79 -17.86 -16.45
N ASN A 534 11.01 -16.99 -15.46
CA ASN A 534 11.04 -15.56 -15.72
C ASN A 534 12.29 -15.11 -16.46
N ASN A 535 13.30 -15.97 -16.60
CA ASN A 535 14.49 -15.59 -17.34
C ASN A 535 14.21 -15.42 -18.82
N CYS A 536 13.23 -16.15 -19.36
CA CYS A 536 12.86 -16.04 -20.75
C CYS A 536 11.67 -15.10 -20.98
N LEU A 537 11.00 -14.67 -19.91
CA LEU A 537 9.89 -13.72 -20.04
C LEU A 537 10.30 -12.28 -19.80
N ASN A 538 11.38 -12.04 -19.05
CA ASN A 538 11.86 -10.68 -18.86
C ASN A 538 12.16 -9.99 -20.18
N PRO A 539 12.85 -10.60 -21.14
CA PRO A 539 13.02 -9.93 -22.44
C PRO A 539 11.71 -9.65 -23.16
N LEU A 540 10.70 -10.50 -23.00
CA LEU A 540 9.44 -10.29 -23.69
C LEU A 540 8.63 -9.16 -23.08
N PHE A 541 8.90 -8.79 -21.82
CA PHE A 541 8.23 -7.64 -21.24
C PHE A 541 8.67 -6.34 -21.91
N TYR A 542 9.86 -6.32 -22.52
CA TYR A 542 10.27 -5.15 -23.27
C TYR A 542 9.41 -4.94 -24.50
N GLY A 543 9.11 -6.02 -25.23
CA GLY A 543 8.27 -5.89 -26.41
C GLY A 543 6.83 -5.52 -26.08
N PHE A 544 6.25 -6.16 -25.07
CA PHE A 544 4.85 -5.93 -24.75
C PHE A 544 4.65 -4.60 -24.02
N LEU A 545 5.24 -4.47 -22.84
CA LEU A 545 5.04 -3.25 -22.05
C LEU A 545 5.70 -2.05 -22.71
N GLY A 546 6.96 -2.18 -23.12
CA GLY A 546 7.66 -1.08 -23.73
C GLY A 546 7.27 -0.92 -25.19
N LYS A 547 7.04 0.33 -25.58
CA LYS A 547 6.71 0.66 -26.97
C LYS A 547 7.95 1.03 -27.78
N LYS A 548 9.12 1.06 -27.17
CA LYS A 548 10.36 1.42 -27.86
C LYS A 548 11.09 0.17 -28.33
N PHE A 549 10.41 -0.64 -29.14
CA PHE A 549 11.02 -1.80 -29.77
C PHE A 549 11.50 -1.44 -31.17
N LYS A 550 12.36 -0.43 -31.24
CA LYS A 550 12.95 -0.02 -32.51
C LYS A 550 13.93 -1.07 -33.00
N ARG A 551 14.96 -1.37 -32.20
CA ARG A 551 15.98 -2.33 -32.63
C ARG A 551 15.43 -3.74 -32.72
N TYR A 552 14.33 -4.03 -32.01
CA TYR A 552 13.69 -5.34 -32.17
C TYR A 552 13.11 -5.52 -33.57
N PHE A 553 12.75 -4.43 -34.24
CA PHE A 553 12.37 -4.47 -35.64
C PHE A 553 13.54 -4.16 -36.57
N LEU A 554 14.48 -3.33 -36.14
CA LEU A 554 15.67 -3.08 -36.94
C LEU A 554 16.50 -4.35 -37.10
N GLN A 555 16.63 -5.14 -36.05
CA GLN A 555 17.39 -6.38 -36.10
C GLN A 555 16.47 -7.57 -36.36
N VAL B 5 -16.45 35.14 25.89
CA VAL B 5 -17.01 34.97 24.56
C VAL B 5 -18.40 34.35 24.65
N GLN B 6 -19.43 35.17 24.46
CA GLN B 6 -20.80 34.71 24.55
C GLN B 6 -21.68 35.63 23.70
N LEU B 7 -22.67 35.03 23.04
CA LEU B 7 -23.65 35.76 22.24
C LEU B 7 -25.01 35.64 22.91
N VAL B 8 -25.67 36.78 23.14
CA VAL B 8 -26.95 36.84 23.83
C VAL B 8 -27.98 37.46 22.90
N GLU B 9 -29.10 36.77 22.71
CA GLU B 9 -30.19 37.30 21.90
C GLU B 9 -31.06 38.25 22.74
N SER B 10 -31.80 39.09 22.03
CA SER B 10 -32.70 40.04 22.67
C SER B 10 -33.76 40.46 21.67
N GLY B 11 -34.84 41.04 22.18
CA GLY B 11 -35.92 41.53 21.36
C GLY B 11 -36.95 40.49 20.95
N GLY B 12 -36.75 39.22 21.31
CA GLY B 12 -37.72 38.21 20.97
C GLY B 12 -38.98 38.30 21.82
N GLY B 13 -40.05 37.71 21.29
CA GLY B 13 -41.32 37.73 22.00
C GLY B 13 -42.46 37.35 21.08
N LEU B 14 -43.67 37.67 21.51
CA LEU B 14 -44.89 37.39 20.77
C LEU B 14 -45.30 38.63 19.99
N VAL B 15 -45.42 38.49 18.67
CA VAL B 15 -45.84 39.58 17.80
C VAL B 15 -46.91 39.05 16.85
N GLN B 16 -47.73 39.97 16.35
CA GLN B 16 -48.81 39.60 15.45
C GLN B 16 -48.26 39.28 14.06
N PRO B 17 -48.92 38.39 13.32
CA PRO B 17 -48.48 38.10 11.95
C PRO B 17 -48.54 39.34 11.07
N GLY B 18 -47.56 39.47 10.19
CA GLY B 18 -47.46 40.61 9.31
C GLY B 18 -46.83 41.85 9.92
N GLY B 19 -46.41 41.78 11.18
CA GLY B 19 -45.81 42.91 11.85
C GLY B 19 -44.30 42.98 11.62
N SER B 20 -43.67 43.89 12.35
CA SER B 20 -42.23 44.10 12.26
C SER B 20 -41.60 43.85 13.62
N LEU B 21 -40.56 43.02 13.63
CA LEU B 21 -39.85 42.68 14.86
C LEU B 21 -38.36 42.74 14.61
N ARG B 22 -37.61 43.25 15.59
CA ARG B 22 -36.17 43.37 15.51
C ARG B 22 -35.53 42.55 16.61
N LEU B 23 -34.55 41.72 16.24
CA LEU B 23 -33.79 40.91 17.18
C LEU B 23 -32.39 41.48 17.35
N SER B 24 -31.78 41.19 18.49
CA SER B 24 -30.45 41.67 18.81
C SER B 24 -29.52 40.50 19.09
N CYS B 25 -28.23 40.72 18.86
CA CYS B 25 -27.19 39.71 19.04
C CYS B 25 -26.00 40.31 19.77
N ALA B 26 -26.26 40.96 20.91
CA ALA B 26 -25.19 41.53 21.71
C ALA B 26 -24.19 40.45 22.11
N ALA B 27 -22.90 40.78 21.93
CA ALA B 27 -21.83 39.83 22.17
C ALA B 27 -20.74 40.46 23.02
N SER B 28 -20.03 39.62 23.77
CA SER B 28 -18.95 40.06 24.62
C SER B 28 -17.70 39.24 24.31
N GLY B 29 -16.53 39.82 24.59
CA GLY B 29 -15.28 39.17 24.27
C GLY B 29 -14.73 39.59 22.93
N PHE B 30 -15.00 38.79 21.90
CA PHE B 30 -14.52 39.09 20.56
C PHE B 30 -15.18 40.37 20.02
N ASN B 31 -14.74 40.78 18.83
CA ASN B 31 -15.28 41.94 18.16
C ASN B 31 -16.09 41.51 16.94
N VAL B 32 -17.16 42.26 16.67
CA VAL B 32 -18.05 41.92 15.56
C VAL B 32 -17.33 42.06 14.22
N VAL B 33 -16.32 42.94 14.13
CA VAL B 33 -15.64 43.15 12.87
C VAL B 33 -14.83 41.93 12.46
N ASP B 34 -14.39 41.13 13.44
CA ASP B 34 -13.53 39.98 13.14
C ASP B 34 -14.32 38.74 12.74
N PHE B 35 -15.64 38.72 12.92
CA PHE B 35 -16.43 37.52 12.67
C PHE B 35 -17.70 37.90 11.93
N SER B 36 -18.27 36.90 11.24
CA SER B 36 -19.53 37.06 10.52
C SER B 36 -20.64 36.43 11.35
N LEU B 37 -21.64 37.23 11.72
CA LEU B 37 -22.72 36.77 12.58
C LEU B 37 -23.88 36.28 11.73
N HIS B 38 -24.21 34.99 11.86
CA HIS B 38 -25.27 34.36 11.12
C HIS B 38 -26.51 34.20 12.00
N TRP B 39 -27.64 33.90 11.35
CA TRP B 39 -28.89 33.63 12.04
C TRP B 39 -29.42 32.28 11.59
N VAL B 40 -29.67 31.39 12.55
CA VAL B 40 -30.23 30.08 12.29
C VAL B 40 -31.50 29.93 13.13
N ARG B 41 -32.59 29.53 12.50
CA ARG B 41 -33.86 29.35 13.17
C ARG B 41 -34.21 27.87 13.21
N GLN B 42 -34.86 27.45 14.29
CA GLN B 42 -35.27 26.06 14.48
C GLN B 42 -36.75 26.03 14.80
N ALA B 43 -37.54 25.48 13.88
CA ALA B 43 -38.97 25.36 14.12
C ALA B 43 -39.23 24.37 15.25
N PRO B 44 -40.30 24.57 16.01
CA PRO B 44 -40.60 23.64 17.12
C PRO B 44 -40.87 22.23 16.62
N GLY B 45 -39.99 21.29 16.98
CA GLY B 45 -40.09 19.92 16.52
C GLY B 45 -39.35 19.63 15.23
N LYS B 46 -38.81 20.64 14.57
CA LYS B 46 -38.06 20.48 13.33
C LYS B 46 -36.59 20.78 13.56
N GLY B 47 -35.81 20.74 12.48
CA GLY B 47 -34.39 20.94 12.54
C GLY B 47 -33.99 22.40 12.37
N LEU B 48 -32.68 22.61 12.25
CA LEU B 48 -32.14 23.95 12.09
C LEU B 48 -32.18 24.38 10.63
N GLU B 49 -32.45 25.66 10.41
CA GLU B 49 -32.45 26.24 9.07
C GLU B 49 -31.70 27.56 9.10
N TRP B 50 -30.77 27.72 8.16
CA TRP B 50 -30.01 28.96 8.04
C TRP B 50 -30.90 30.05 7.48
N VAL B 51 -30.86 31.23 8.09
CA VAL B 51 -31.76 32.34 7.76
C VAL B 51 -31.01 33.47 7.06
N ALA B 52 -30.04 34.08 7.75
CA ALA B 52 -29.37 35.26 7.22
C ALA B 52 -28.03 35.41 7.90
N TYR B 53 -27.17 36.24 7.32
CA TYR B 53 -25.88 36.53 7.91
C TYR B 53 -25.42 37.92 7.50
N ILE B 54 -24.48 38.45 8.26
CA ILE B 54 -23.87 39.75 7.98
C ILE B 54 -22.36 39.61 8.16
N SER B 55 -21.60 40.33 7.33
CA SER B 55 -20.15 40.38 7.44
C SER B 55 -19.79 41.84 7.72
N SER B 56 -19.73 42.20 9.00
CA SER B 56 -19.54 43.59 9.38
C SER B 56 -18.19 44.15 8.94
N SER B 57 -17.24 43.28 8.58
CA SER B 57 -15.95 43.76 8.10
C SER B 57 -16.11 44.56 6.81
N SER B 58 -16.92 44.07 5.90
CA SER B 58 -17.15 44.74 4.62
C SER B 58 -18.61 44.99 4.32
N GLY B 59 -19.50 44.10 4.77
CA GLY B 59 -20.91 44.19 4.45
C GLY B 59 -21.25 43.22 3.34
N SER B 60 -21.73 42.03 3.72
CA SER B 60 -22.03 40.97 2.77
C SER B 60 -23.34 40.28 3.17
N THR B 61 -24.34 41.08 3.51
CA THR B 61 -25.61 40.54 3.97
C THR B 61 -26.20 39.58 2.95
N SER B 62 -26.64 38.42 3.44
CA SER B 62 -27.28 37.42 2.61
C SER B 62 -28.43 36.80 3.38
N TYR B 63 -29.38 36.22 2.66
CA TYR B 63 -30.56 35.64 3.28
C TYR B 63 -30.92 34.34 2.58
N ALA B 64 -31.63 33.48 3.30
CA ALA B 64 -32.18 32.29 2.68
C ALA B 64 -33.35 32.66 1.77
N ASP B 65 -33.65 31.76 0.83
CA ASP B 65 -34.72 32.04 -0.12
C ASP B 65 -36.08 32.17 0.56
N SER B 66 -36.24 31.53 1.72
CA SER B 66 -37.51 31.61 2.43
C SER B 66 -37.69 32.96 3.13
N VAL B 67 -36.61 33.68 3.39
CA VAL B 67 -36.69 34.96 4.10
C VAL B 67 -36.18 36.14 3.29
N LYS B 68 -35.59 35.90 2.12
CA LYS B 68 -35.04 37.00 1.33
C LYS B 68 -36.16 37.91 0.84
N GLY B 69 -35.93 39.22 0.93
CA GLY B 69 -36.89 40.22 0.55
C GLY B 69 -37.73 40.75 1.69
N ARG B 70 -37.80 40.02 2.80
CA ARG B 70 -38.52 40.45 4.00
C ARG B 70 -37.57 40.71 5.16
N PHE B 71 -36.66 39.79 5.43
CA PHE B 71 -35.71 39.95 6.52
C PHE B 71 -34.63 40.96 6.14
N THR B 72 -34.07 41.61 7.15
CA THR B 72 -32.98 42.55 6.98
C THR B 72 -32.08 42.49 8.19
N ILE B 73 -30.79 42.23 7.96
CA ILE B 73 -29.81 42.07 9.03
C ILE B 73 -28.79 43.19 8.93
N SER B 74 -28.54 43.85 10.06
CA SER B 74 -27.56 44.92 10.12
C SER B 74 -26.77 44.79 11.42
N ALA B 75 -25.56 45.35 11.41
CA ALA B 75 -24.67 45.27 12.56
C ALA B 75 -24.17 46.67 12.93
N ASP B 76 -23.90 46.85 14.21
CA ASP B 76 -23.39 48.11 14.74
C ASP B 76 -22.03 47.85 15.38
N THR B 77 -20.98 48.43 14.80
CA THR B 77 -19.63 48.23 15.34
C THR B 77 -19.49 48.84 16.73
N SER B 78 -20.06 50.03 16.94
CA SER B 78 -19.91 50.70 18.23
C SER B 78 -20.57 49.90 19.35
N LYS B 79 -21.76 49.35 19.11
CA LYS B 79 -22.48 48.58 20.12
C LYS B 79 -22.09 47.11 20.13
N ASN B 80 -21.30 46.65 19.15
CA ASN B 80 -20.89 45.25 19.05
C ASN B 80 -22.10 44.32 19.00
N THR B 81 -23.14 44.74 18.28
CA THR B 81 -24.38 44.00 18.17
C THR B 81 -24.76 43.82 16.72
N ALA B 82 -25.57 42.80 16.46
CA ALA B 82 -26.15 42.55 15.14
C ALA B 82 -27.67 42.57 15.27
N TYR B 83 -28.32 43.30 14.38
CA TYR B 83 -29.77 43.46 14.39
C TYR B 83 -30.39 42.76 13.19
N LEU B 84 -31.38 41.93 13.44
CA LEU B 84 -32.16 41.27 12.39
C LEU B 84 -33.55 41.89 12.39
N GLN B 85 -33.91 42.55 11.29
CA GLN B 85 -35.21 43.18 11.13
C GLN B 85 -36.11 42.26 10.31
N MET B 86 -37.26 41.91 10.87
CA MET B 86 -38.19 40.99 10.24
C MET B 86 -39.43 41.73 9.77
N ASN B 87 -39.90 41.39 8.57
CA ASN B 87 -41.06 42.02 7.97
C ASN B 87 -41.94 40.95 7.34
N SER B 88 -43.25 41.23 7.30
CA SER B 88 -44.23 40.34 6.68
C SER B 88 -44.16 38.93 7.29
N LEU B 89 -44.12 38.88 8.61
CA LEU B 89 -44.06 37.59 9.30
C LEU B 89 -45.35 36.79 9.06
N ARG B 90 -45.18 35.51 8.79
CA ARG B 90 -46.29 34.60 8.53
C ARG B 90 -46.25 33.44 9.52
N ALA B 91 -47.13 32.47 9.30
CA ALA B 91 -47.20 31.31 10.19
C ALA B 91 -46.00 30.38 10.07
N GLU B 92 -45.14 30.59 9.07
CA GLU B 92 -43.96 29.75 8.90
C GLU B 92 -42.72 30.29 9.60
N ASP B 93 -42.78 31.52 10.14
CA ASP B 93 -41.63 32.15 10.75
C ASP B 93 -41.58 31.99 12.26
N THR B 94 -42.50 31.24 12.86
CA THR B 94 -42.51 31.03 14.30
C THR B 94 -41.49 29.94 14.64
N ALA B 95 -40.31 30.36 15.09
CA ALA B 95 -39.24 29.41 15.38
C ALA B 95 -38.28 30.06 16.37
N VAL B 96 -37.45 29.21 16.98
CA VAL B 96 -36.41 29.68 17.89
C VAL B 96 -35.22 30.15 17.07
N TYR B 97 -34.87 31.43 17.21
CA TYR B 97 -33.82 32.04 16.40
C TYR B 97 -32.50 32.04 17.17
N TYR B 98 -31.46 31.51 16.54
CA TYR B 98 -30.13 31.46 17.12
C TYR B 98 -29.20 32.38 16.32
N CYS B 99 -28.40 33.16 17.03
CA CYS B 99 -27.36 33.99 16.43
C CYS B 99 -26.03 33.29 16.61
N ALA B 100 -25.37 32.95 15.51
CA ALA B 100 -24.15 32.17 15.52
C ALA B 100 -22.97 33.02 15.06
N ARG B 101 -21.77 32.58 15.42
CA ARG B 101 -20.53 33.25 15.08
C ARG B 101 -19.74 32.37 14.12
N TRP B 102 -19.04 33.01 13.17
CA TRP B 102 -18.25 32.27 12.20
C TRP B 102 -17.12 33.16 11.72
N GLY B 103 -15.89 32.66 11.79
CA GLY B 103 -14.73 33.45 11.46
C GLY B 103 -14.58 33.68 9.97
N TYR B 104 -13.57 34.48 9.65
CA TYR B 104 -13.28 34.82 8.27
C TYR B 104 -12.24 33.85 7.69
N TRP B 105 -12.17 33.82 6.36
CA TRP B 105 -11.55 32.68 5.68
C TRP B 105 -10.10 32.44 6.05
N PRO B 106 -9.17 33.40 5.91
CA PRO B 106 -7.77 33.04 6.05
C PRO B 106 -7.43 32.51 7.44
N GLY B 107 -7.14 31.23 7.52
CA GLY B 107 -6.78 30.60 8.77
C GLY B 107 -7.80 29.57 9.22
N GLU B 108 -7.55 29.04 10.41
CA GLU B 108 -8.39 28.06 11.09
C GLU B 108 -9.73 28.61 11.60
N PRO B 109 -9.84 29.89 12.00
CA PRO B 109 -11.16 30.39 12.44
C PRO B 109 -12.28 30.13 11.46
N TRP B 110 -12.02 30.12 10.15
CA TRP B 110 -13.06 29.76 9.21
C TRP B 110 -13.45 28.30 9.34
N TRP B 111 -12.46 27.41 9.45
CA TRP B 111 -12.74 25.99 9.53
C TRP B 111 -13.54 25.64 10.77
N LYS B 112 -13.40 26.43 11.82
CA LYS B 112 -14.28 26.32 12.98
C LYS B 112 -15.60 26.99 12.62
N ALA B 113 -16.63 26.19 12.42
CA ALA B 113 -17.94 26.69 12.00
C ALA B 113 -18.63 27.32 13.21
N PHE B 114 -19.94 27.53 13.13
CA PHE B 114 -20.67 28.06 14.28
C PHE B 114 -20.25 27.32 15.54
N ASP B 115 -19.61 28.02 16.46
CA ASP B 115 -19.03 27.36 17.63
C ASP B 115 -19.52 28.02 18.90
N TYR B 116 -19.75 29.33 18.86
CA TYR B 116 -20.34 30.07 19.97
C TYR B 116 -21.71 30.55 19.53
N TRP B 117 -22.70 29.67 19.66
CA TRP B 117 -24.07 30.02 19.32
C TRP B 117 -24.66 30.95 20.37
N GLY B 118 -25.73 31.63 19.98
CA GLY B 118 -26.46 32.46 20.92
C GLY B 118 -27.28 31.62 21.88
N GLN B 119 -27.72 32.28 22.96
CA GLN B 119 -28.50 31.60 23.98
C GLN B 119 -29.85 31.12 23.46
N GLY B 120 -30.36 31.72 22.39
CA GLY B 120 -31.62 31.31 21.82
C GLY B 120 -32.80 32.17 22.25
N THR B 121 -33.60 32.61 21.30
CA THR B 121 -34.79 33.40 21.58
C THR B 121 -35.97 32.82 20.82
N LEU B 122 -37.15 32.93 21.43
CA LEU B 122 -38.37 32.37 20.87
C LEU B 122 -39.18 33.46 20.18
N VAL B 123 -39.52 33.23 18.91
CA VAL B 123 -40.34 34.15 18.13
C VAL B 123 -41.63 33.42 17.76
N THR B 124 -42.77 34.00 18.15
CA THR B 124 -44.07 33.40 17.91
C THR B 124 -44.94 34.42 17.17
N VAL B 125 -45.59 33.97 16.11
CA VAL B 125 -46.47 34.83 15.32
C VAL B 125 -47.92 34.63 15.74
N ASP C 1 -26.65 25.48 -2.49
CA ASP C 1 -27.84 24.67 -2.25
C ASP C 1 -27.46 23.20 -2.09
N ILE C 2 -26.32 22.95 -1.44
CA ILE C 2 -25.90 21.59 -1.17
C ILE C 2 -26.80 21.00 -0.09
N GLN C 3 -27.36 19.83 -0.35
CA GLN C 3 -28.34 19.21 0.53
C GLN C 3 -27.66 18.11 1.34
N MET C 4 -27.87 18.13 2.66
CA MET C 4 -27.28 17.14 3.56
C MET C 4 -28.35 16.13 3.95
N THR C 5 -27.99 14.85 3.94
CA THR C 5 -28.90 13.76 4.21
C THR C 5 -28.34 12.90 5.34
N GLN C 6 -29.16 12.63 6.34
CA GLN C 6 -28.79 11.76 7.46
C GLN C 6 -29.74 10.57 7.47
N SER C 7 -29.24 9.42 7.03
CA SER C 7 -30.08 8.22 6.98
C SER C 7 -30.56 7.75 8.34
N PRO C 8 -29.70 7.61 9.37
CA PRO C 8 -30.24 7.13 10.68
C PRO C 8 -31.01 8.20 11.44
N SER C 9 -32.30 8.33 11.10
CA SER C 9 -33.13 9.36 11.72
C SER C 9 -33.23 9.15 13.22
N SER C 10 -33.40 7.91 13.67
CA SER C 10 -33.49 7.59 15.09
C SER C 10 -32.55 6.44 15.40
N LEU C 11 -31.74 6.61 16.44
CA LEU C 11 -30.82 5.57 16.89
C LEU C 11 -31.05 5.30 18.38
N SER C 12 -31.06 4.02 18.75
CA SER C 12 -31.24 3.60 20.12
C SER C 12 -30.02 2.79 20.56
N ALA C 13 -29.41 3.20 21.67
CA ALA C 13 -28.23 2.51 22.18
C ALA C 13 -28.13 2.76 23.68
N SER C 14 -27.38 1.88 24.35
CA SER C 14 -27.16 1.97 25.78
C SER C 14 -25.80 2.60 26.07
N VAL C 15 -25.58 2.91 27.35
CA VAL C 15 -24.34 3.54 27.77
C VAL C 15 -23.18 2.59 27.52
N GLY C 16 -22.11 3.10 26.91
CA GLY C 16 -20.95 2.30 26.58
C GLY C 16 -20.97 1.66 25.21
N ASP C 17 -22.06 1.82 24.45
CA ASP C 17 -22.17 1.24 23.13
C ASP C 17 -21.60 2.19 22.08
N ARG C 18 -21.41 1.67 20.86
CA ARG C 18 -20.85 2.42 19.75
C ARG C 18 -21.97 2.84 18.81
N VAL C 19 -22.08 4.14 18.55
CA VAL C 19 -23.11 4.71 17.70
C VAL C 19 -22.44 5.44 16.55
N THR C 20 -22.90 5.16 15.32
CA THR C 20 -22.34 5.75 14.12
C THR C 20 -23.43 6.51 13.37
N ILE C 21 -23.15 7.76 13.02
CA ILE C 21 -24.07 8.61 12.28
C ILE C 21 -23.40 9.02 10.98
N THR C 22 -24.08 8.77 9.86
CA THR C 22 -23.54 9.06 8.54
C THR C 22 -24.25 10.25 7.93
N CYS C 23 -23.55 10.95 7.04
CA CYS C 23 -24.08 12.15 6.41
C CYS C 23 -23.54 12.24 4.99
N ARG C 24 -24.42 12.63 4.05
CA ARG C 24 -24.08 12.70 2.64
C ARG C 24 -24.50 14.05 2.08
N ALA C 25 -23.68 14.60 1.19
CA ALA C 25 -23.90 15.90 0.60
C ALA C 25 -24.31 15.76 -0.86
N SER C 26 -25.17 16.67 -1.33
CA SER C 26 -25.60 16.63 -2.72
C SER C 26 -24.43 16.88 -3.66
N GLN C 27 -23.59 17.87 -3.35
CA GLN C 27 -22.40 18.18 -4.12
C GLN C 27 -21.16 17.64 -3.42
N SER C 28 -20.02 17.80 -4.08
CA SER C 28 -18.74 17.35 -3.52
C SER C 28 -18.13 18.48 -2.68
N VAL C 29 -18.81 18.79 -1.59
CA VAL C 29 -18.25 19.70 -0.60
C VAL C 29 -16.92 19.15 -0.12
N SER C 30 -15.99 20.04 0.21
CA SER C 30 -14.70 19.64 0.72
C SER C 30 -14.89 19.17 2.16
N SER C 31 -13.79 18.98 2.88
CA SER C 31 -13.93 18.50 4.25
C SER C 31 -14.39 19.65 5.14
N ALA C 32 -15.49 20.29 4.75
CA ALA C 32 -16.12 21.37 5.51
C ALA C 32 -17.48 20.84 5.95
N VAL C 33 -17.49 20.12 7.07
CA VAL C 33 -18.70 19.58 7.66
C VAL C 33 -18.55 19.61 9.17
N ALA C 34 -19.52 20.23 9.84
CA ALA C 34 -19.49 20.40 11.28
C ALA C 34 -20.58 19.56 11.93
N TRP C 35 -20.27 18.96 13.07
CA TRP C 35 -21.21 18.17 13.84
C TRP C 35 -21.56 18.90 15.13
N TYR C 36 -22.84 18.88 15.47
CA TYR C 36 -23.34 19.63 16.62
C TYR C 36 -24.13 18.71 17.54
N GLN C 37 -24.10 19.04 18.84
CA GLN C 37 -24.89 18.35 19.84
C GLN C 37 -25.87 19.35 20.44
N GLN C 38 -27.16 19.04 20.37
CA GLN C 38 -28.22 19.94 20.85
C GLN C 38 -29.09 19.18 21.84
N LYS C 39 -28.90 19.45 23.12
CA LYS C 39 -29.84 18.97 24.13
C LYS C 39 -31.16 19.73 23.98
N PRO C 40 -32.29 19.09 24.33
CA PRO C 40 -33.57 19.78 24.23
C PRO C 40 -33.61 21.02 25.11
N GLY C 41 -34.01 22.15 24.51
CA GLY C 41 -34.06 23.41 25.22
C GLY C 41 -32.74 24.13 25.35
N LYS C 42 -31.71 23.72 24.62
CA LYS C 42 -30.40 24.33 24.71
C LYS C 42 -29.85 24.56 23.30
N ALA C 43 -28.96 25.54 23.18
CA ALA C 43 -28.34 25.85 21.91
C ALA C 43 -27.39 24.73 21.49
N PRO C 44 -27.24 24.49 20.19
CA PRO C 44 -26.31 23.45 19.73
C PRO C 44 -24.88 23.80 20.08
N LYS C 45 -24.07 22.76 20.28
CA LYS C 45 -22.66 22.91 20.62
C LYS C 45 -21.82 22.16 19.58
N LEU C 46 -20.78 22.83 19.09
CA LEU C 46 -19.92 22.23 18.08
C LEU C 46 -19.08 21.11 18.68
N LEU C 47 -19.05 19.96 18.01
CA LEU C 47 -18.25 18.82 18.42
C LEU C 47 -17.10 18.56 17.46
N ILE C 48 -17.40 18.37 16.18
CA ILE C 48 -16.42 18.08 15.14
C ILE C 48 -16.50 19.16 14.08
N TYR C 49 -15.37 19.75 13.74
CA TYR C 49 -15.27 20.67 12.62
C TYR C 49 -14.22 20.17 11.64
N SER C 50 -14.29 20.67 10.42
CA SER C 50 -13.47 20.21 9.30
C SER C 50 -13.67 18.73 8.99
N ALA C 51 -14.74 18.14 9.52
CA ALA C 51 -15.16 16.76 9.26
C ALA C 51 -14.24 15.74 9.91
N SER C 52 -13.11 16.20 10.48
CA SER C 52 -12.21 15.30 11.18
C SER C 52 -11.67 15.87 12.49
N SER C 53 -11.61 17.18 12.66
CA SER C 53 -10.99 17.76 13.84
C SER C 53 -11.96 17.77 15.01
N LEU C 54 -11.41 17.72 16.22
CA LEU C 54 -12.19 17.71 17.45
C LEU C 54 -12.11 19.08 18.10
N TYR C 55 -13.25 19.65 18.42
CA TYR C 55 -13.30 20.98 19.01
C TYR C 55 -12.70 20.98 20.41
N SER C 56 -12.14 22.11 20.80
CA SER C 56 -11.53 22.24 22.11
C SER C 56 -12.58 22.11 23.21
N GLY C 57 -12.18 21.47 24.31
CA GLY C 57 -13.11 21.21 25.40
C GLY C 57 -14.21 20.22 25.06
N VAL C 58 -13.91 19.22 24.23
CA VAL C 58 -14.87 18.20 23.86
C VAL C 58 -14.25 16.83 24.13
N PRO C 59 -15.00 15.90 24.72
CA PRO C 59 -14.43 14.57 25.01
C PRO C 59 -13.94 13.88 23.74
N SER C 60 -12.83 13.14 23.88
CA SER C 60 -12.19 12.49 22.74
C SER C 60 -12.99 11.31 22.20
N ARG C 61 -14.05 10.88 22.89
CA ARG C 61 -14.84 9.76 22.40
C ARG C 61 -15.54 10.08 21.09
N PHE C 62 -15.83 11.36 20.84
CA PHE C 62 -16.42 11.76 19.57
C PHE C 62 -15.35 11.75 18.47
N SER C 63 -15.66 11.10 17.36
CA SER C 63 -14.72 10.98 16.24
C SER C 63 -15.44 11.33 14.95
N GLY C 64 -14.77 12.13 14.12
CA GLY C 64 -15.29 12.53 12.82
C GLY C 64 -14.45 11.95 11.70
N SER C 65 -15.12 11.53 10.64
CA SER C 65 -14.45 10.92 9.49
C SER C 65 -15.07 11.43 8.21
N ARG C 66 -14.28 11.41 7.13
CA ARG C 66 -14.74 11.79 5.81
C ARG C 66 -14.31 10.73 4.82
N SER C 67 -15.24 10.30 3.97
CA SER C 67 -14.95 9.38 2.87
C SER C 67 -15.52 10.01 1.60
N GLY C 68 -14.75 10.91 0.99
CA GLY C 68 -15.25 11.65 -0.16
C GLY C 68 -16.42 12.54 0.22
N THR C 69 -17.62 12.19 -0.26
CA THR C 69 -18.84 12.91 0.07
C THR C 69 -19.50 12.41 1.34
N ASP C 70 -19.12 11.21 1.81
CA ASP C 70 -19.77 10.61 2.97
C ASP C 70 -19.04 11.03 4.23
N PHE C 71 -19.77 11.69 5.14
CA PHE C 71 -19.22 12.15 6.41
C PHE C 71 -19.84 11.33 7.53
N THR C 72 -19.00 10.87 8.45
CA THR C 72 -19.43 9.95 9.50
C THR C 72 -19.00 10.48 10.86
N LEU C 73 -19.93 10.50 11.80
CA LEU C 73 -19.66 10.81 13.19
C LEU C 73 -19.75 9.54 14.02
N THR C 74 -18.75 9.30 14.87
CA THR C 74 -18.67 8.08 15.65
C THR C 74 -18.35 8.42 17.11
N ILE C 75 -18.98 7.69 18.02
CA ILE C 75 -18.71 7.80 19.45
C ILE C 75 -18.19 6.45 19.94
N SER C 76 -16.99 6.46 20.52
CA SER C 76 -16.36 5.21 20.93
C SER C 76 -17.12 4.55 22.08
N SER C 77 -17.43 5.33 23.11
CA SER C 77 -18.14 4.82 24.29
C SER C 77 -19.24 5.80 24.66
N LEU C 78 -20.49 5.35 24.58
CA LEU C 78 -21.61 6.22 24.90
C LEU C 78 -21.63 6.55 26.39
N GLN C 79 -22.20 7.71 26.71
CA GLN C 79 -22.28 8.23 28.06
C GLN C 79 -23.70 8.69 28.34
N PRO C 80 -24.10 8.76 29.62
CA PRO C 80 -25.46 9.23 29.93
C PRO C 80 -25.73 10.65 29.46
N GLU C 81 -24.70 11.49 29.34
CA GLU C 81 -24.87 12.86 28.85
C GLU C 81 -24.72 12.96 27.33
N ASP C 82 -24.52 11.84 26.64
CA ASP C 82 -24.36 11.83 25.20
C ASP C 82 -25.67 11.57 24.46
N PHE C 83 -26.79 11.53 25.17
CA PHE C 83 -28.11 11.34 24.54
C PHE C 83 -28.66 12.71 24.19
N ALA C 84 -28.59 13.07 22.92
CA ALA C 84 -29.07 14.36 22.44
C ALA C 84 -29.36 14.25 20.94
N THR C 85 -29.55 15.38 20.29
CA THR C 85 -29.80 15.44 18.86
C THR C 85 -28.56 15.95 18.16
N TYR C 86 -28.14 15.26 17.10
CA TYR C 86 -26.93 15.58 16.37
C TYR C 86 -27.28 16.03 14.96
N TYR C 87 -26.70 17.14 14.53
CA TYR C 87 -26.96 17.71 13.21
C TYR C 87 -25.68 17.73 12.38
N CYS C 88 -25.86 17.58 11.07
CA CYS C 88 -24.78 17.60 10.10
C CYS C 88 -24.90 18.86 9.26
N GLN C 89 -23.89 19.72 9.32
CA GLN C 89 -23.89 21.00 8.63
C GLN C 89 -22.73 21.06 7.65
N GLN C 90 -23.01 21.47 6.42
CA GLN C 90 -21.96 21.78 5.46
C GLN C 90 -21.80 23.29 5.40
N TYR C 91 -20.57 23.75 5.60
CA TYR C 91 -20.34 25.19 5.67
C TYR C 91 -19.35 25.63 4.59
N LEU C 92 -19.57 25.15 3.36
CA LEU C 92 -18.66 25.48 2.26
C LEU C 92 -18.55 26.98 2.04
N TYR C 93 -19.62 27.72 2.28
CA TYR C 93 -19.59 29.16 2.15
C TYR C 93 -20.67 29.74 3.06
N TYR C 94 -20.54 31.04 3.35
CA TYR C 94 -21.45 31.69 4.29
C TYR C 94 -22.90 31.55 3.85
N SER C 95 -23.18 31.79 2.58
CA SER C 95 -24.54 31.71 2.07
C SER C 95 -24.97 30.29 1.71
N LEU C 96 -24.09 29.31 1.85
CA LEU C 96 -24.36 27.94 1.45
C LEU C 96 -24.36 27.00 2.64
N VAL C 97 -24.98 27.43 3.73
CA VAL C 97 -25.04 26.66 4.96
C VAL C 97 -26.36 25.90 4.98
N THR C 98 -26.28 24.56 5.01
CA THR C 98 -27.45 23.71 5.13
C THR C 98 -27.18 22.66 6.19
N PHE C 99 -28.12 22.48 7.10
CA PHE C 99 -28.00 21.51 8.18
C PHE C 99 -28.71 20.21 7.79
N GLY C 100 -28.33 19.13 8.47
CA GLY C 100 -28.99 17.86 8.27
C GLY C 100 -30.36 17.82 8.92
N GLN C 101 -31.08 16.73 8.64
CA GLN C 101 -32.42 16.57 9.20
C GLN C 101 -32.38 16.46 10.72
N GLY C 102 -31.38 15.75 11.26
CA GLY C 102 -31.23 15.61 12.68
C GLY C 102 -31.49 14.20 13.16
N THR C 103 -30.59 13.66 13.98
CA THR C 103 -30.69 12.31 14.51
C THR C 103 -30.81 12.38 16.03
N LYS C 104 -31.78 11.66 16.58
CA LYS C 104 -32.01 11.62 18.01
C LYS C 104 -31.52 10.29 18.56
N VAL C 105 -30.72 10.35 19.62
CA VAL C 105 -30.16 9.16 20.26
C VAL C 105 -30.98 8.86 21.51
N GLU C 106 -31.53 7.64 21.57
CA GLU C 106 -32.38 7.21 22.67
C GLU C 106 -31.67 6.18 23.51
N ILE C 107 -32.25 5.90 24.67
CA ILE C 107 -31.69 4.92 25.59
C ILE C 107 -32.28 3.53 25.32
N SER D 17 33.73 -60.24 15.96
CA SER D 17 32.56 -59.77 15.24
C SER D 17 32.00 -58.49 15.86
N LEU D 18 32.27 -57.35 15.21
CA LEU D 18 31.81 -56.07 15.68
C LEU D 18 30.41 -55.77 15.15
N ARG D 19 29.89 -54.61 15.52
CA ARG D 19 28.54 -54.20 15.10
C ARG D 19 28.43 -52.70 15.28
N LEU D 20 28.24 -51.97 14.17
CA LEU D 20 28.17 -50.52 14.20
C LEU D 20 26.72 -50.05 14.14
N SER D 21 26.44 -48.97 14.85
CA SER D 21 25.10 -48.42 14.95
C SER D 21 25.09 -46.94 14.57
N CYS D 22 24.00 -46.51 13.95
CA CYS D 22 23.88 -45.13 13.48
C CYS D 22 22.43 -44.69 13.64
N ALA D 23 22.21 -43.68 14.47
CA ALA D 23 20.87 -43.19 14.78
C ALA D 23 20.61 -41.90 14.01
N ALA D 24 19.51 -41.89 13.25
CA ALA D 24 19.06 -40.68 12.56
C ALA D 24 17.55 -40.74 12.47
N SER D 25 16.88 -39.72 13.01
CA SER D 25 15.44 -39.71 13.13
C SER D 25 14.88 -38.40 12.58
N GLY D 26 13.60 -38.43 12.22
CA GLY D 26 12.93 -37.25 11.74
C GLY D 26 12.78 -37.23 10.23
N TYR D 27 13.41 -36.25 9.58
CA TYR D 27 13.36 -36.16 8.13
C TYR D 27 13.95 -37.40 7.48
N ILE D 28 15.05 -37.90 8.05
CA ILE D 28 15.73 -39.10 7.57
C ILE D 28 14.99 -40.34 8.06
N PHE D 29 15.42 -41.50 7.57
CA PHE D 29 15.04 -42.85 8.00
C PHE D 29 13.68 -43.29 7.47
N TYR D 30 12.87 -42.40 6.89
CA TYR D 30 11.63 -42.84 6.27
C TYR D 30 11.54 -42.48 4.79
N ARG D 31 12.47 -41.69 4.28
CA ARG D 31 12.53 -41.38 2.85
C ARG D 31 13.92 -41.47 2.27
N TYR D 32 14.97 -41.56 3.09
CA TYR D 32 16.33 -41.66 2.60
C TYR D 32 16.90 -43.02 2.97
N SER D 33 17.61 -43.64 2.02
CA SER D 33 18.33 -44.87 2.31
C SER D 33 19.45 -44.59 3.29
N MET D 34 19.70 -45.52 4.20
CA MET D 34 20.77 -45.39 5.17
C MET D 34 21.78 -46.52 4.97
N GLY D 35 23.03 -46.23 5.25
CA GLY D 35 24.09 -47.18 5.00
C GLY D 35 25.40 -46.69 5.56
N TRP D 36 26.46 -47.38 5.17
CA TRP D 36 27.80 -47.11 5.71
C TRP D 36 28.81 -46.96 4.59
N TYR D 37 29.79 -46.10 4.83
CA TYR D 37 30.92 -45.90 3.93
C TYR D 37 32.20 -45.97 4.74
N ARG D 38 33.21 -46.63 4.19
CA ARG D 38 34.50 -46.79 4.85
C ARG D 38 35.57 -46.00 4.11
N GLN D 39 36.41 -45.29 4.86
CA GLN D 39 37.51 -44.52 4.30
C GLN D 39 38.75 -45.41 4.29
N ALA D 40 38.97 -46.09 3.17
CA ALA D 40 40.09 -47.00 3.03
C ALA D 40 41.40 -46.21 2.97
N PRO D 41 42.54 -46.86 3.22
CA PRO D 41 43.82 -46.17 3.10
C PRO D 41 44.06 -45.57 1.73
N GLY D 42 43.40 -46.07 0.69
CA GLY D 42 43.44 -45.44 -0.61
C GLY D 42 42.73 -44.11 -0.69
N LYS D 43 42.01 -43.73 0.37
CA LYS D 43 41.33 -42.44 0.48
C LYS D 43 40.30 -42.27 -0.64
N GLU D 44 39.29 -43.14 -0.62
CA GLU D 44 38.21 -43.09 -1.60
C GLU D 44 36.81 -43.09 -0.99
N ARG D 45 36.63 -43.54 0.24
CA ARG D 45 35.34 -43.59 0.92
C ARG D 45 34.32 -44.38 0.09
N GLU D 46 34.62 -45.68 -0.03
CA GLU D 46 33.83 -46.57 -0.86
C GLU D 46 32.56 -47.01 -0.15
N PHE D 47 31.64 -47.57 -0.93
CA PHE D 47 30.37 -48.05 -0.40
C PHE D 47 30.58 -49.35 0.37
N VAL D 48 29.81 -49.53 1.44
CA VAL D 48 29.91 -50.72 2.27
C VAL D 48 28.58 -51.44 2.33
N ALA D 49 27.55 -50.75 2.83
CA ALA D 49 26.22 -51.34 2.96
C ALA D 49 25.19 -50.24 2.80
N GLY D 50 23.96 -50.65 2.53
CA GLY D 50 22.88 -49.70 2.36
C GLY D 50 21.51 -50.34 2.42
N ILE D 51 20.60 -49.74 3.17
CA ILE D 51 19.25 -50.25 3.35
C ILE D 51 18.26 -49.14 3.05
N SER D 52 17.24 -49.45 2.26
CA SER D 52 16.23 -48.47 1.87
C SER D 52 15.01 -48.59 2.77
N TYR D 53 14.06 -47.67 2.59
CA TYR D 53 12.83 -47.71 3.37
C TYR D 53 11.98 -48.92 3.03
N GLY D 54 12.18 -49.52 1.86
CA GLY D 54 11.54 -50.77 1.48
C GLY D 54 12.25 -52.00 1.99
N ALA D 55 13.22 -51.84 2.89
CA ALA D 55 13.97 -52.96 3.47
C ALA D 55 14.67 -53.79 2.40
N THR D 56 15.22 -53.12 1.40
CA THR D 56 15.97 -53.77 0.33
C THR D 56 17.46 -53.58 0.61
N THR D 57 18.10 -54.63 1.11
CA THR D 57 19.53 -54.58 1.39
C THR D 57 20.33 -54.51 0.10
N ASN D 58 21.50 -53.87 0.19
CA ASN D 58 22.41 -53.78 -0.95
C ASN D 58 23.81 -53.53 -0.40
N TYR D 59 24.69 -54.52 -0.54
CA TYR D 59 26.06 -54.42 -0.06
C TYR D 59 27.02 -54.39 -1.23
N ALA D 60 28.22 -53.87 -0.97
CA ALA D 60 29.29 -53.96 -1.95
C ALA D 60 29.70 -55.41 -2.14
N ASP D 61 29.99 -55.79 -3.39
CA ASP D 61 30.32 -57.18 -3.69
C ASP D 61 31.60 -57.63 -3.00
N SER D 62 32.47 -56.71 -2.62
CA SER D 62 33.69 -57.09 -1.92
C SER D 62 33.41 -57.64 -0.54
N VAL D 63 32.34 -57.17 0.11
CA VAL D 63 32.03 -57.57 1.48
C VAL D 63 30.59 -58.09 1.51
N LYS D 64 30.14 -58.65 0.38
CA LYS D 64 28.74 -59.04 0.23
C LYS D 64 28.32 -60.08 1.28
N GLY D 65 29.16 -61.08 1.51
CA GLY D 65 28.78 -62.16 2.40
C GLY D 65 29.14 -61.93 3.85
N ARG D 66 30.19 -61.14 4.11
CA ARG D 66 30.66 -60.97 5.47
C ARG D 66 29.73 -60.07 6.28
N PHE D 67 29.25 -58.98 5.69
CA PHE D 67 28.45 -58.01 6.40
C PHE D 67 26.96 -58.27 6.20
N THR D 68 26.16 -57.65 7.06
CA THR D 68 24.70 -57.74 6.96
C THR D 68 24.11 -56.53 7.65
N ILE D 69 23.58 -55.59 6.86
CA ILE D 69 22.98 -54.40 7.43
C ILE D 69 21.57 -54.71 7.91
N SER D 70 21.09 -53.90 8.85
CA SER D 70 19.78 -54.13 9.45
C SER D 70 19.14 -52.80 9.81
N ARG D 71 17.87 -52.65 9.47
CA ARG D 71 17.09 -51.46 9.77
C ARG D 71 16.12 -51.77 10.90
N ASP D 72 15.95 -50.81 11.80
CA ASP D 72 15.14 -50.98 12.99
C ASP D 72 13.96 -50.00 12.94
N ASN D 73 13.22 -49.92 14.03
CA ASN D 73 12.07 -49.02 14.12
C ASN D 73 12.15 -48.16 15.37
N ASN D 76 14.53 -45.63 14.83
CA ASN D 76 15.06 -44.92 13.67
C ASN D 76 16.58 -45.07 13.61
N THR D 77 17.06 -46.30 13.78
CA THR D 77 18.48 -46.60 13.85
C THR D 77 18.80 -47.74 12.89
N VAL D 78 19.95 -47.66 12.24
CA VAL D 78 20.43 -48.70 11.34
C VAL D 78 21.65 -49.35 11.95
N TYR D 79 21.71 -50.68 11.93
CA TYR D 79 22.82 -51.44 12.48
C TYR D 79 23.52 -52.21 11.38
N LEU D 80 24.85 -52.23 11.43
CA LEU D 80 25.67 -52.98 10.50
C LEU D 80 26.36 -54.11 11.26
N GLN D 81 26.15 -55.34 10.82
CA GLN D 81 26.73 -56.52 11.45
C GLN D 81 27.96 -56.97 10.68
N MET D 82 29.04 -57.23 11.41
CA MET D 82 30.30 -57.66 10.82
C MET D 82 30.65 -59.04 11.34
N ASN D 83 31.17 -59.90 10.46
CA ASN D 83 31.47 -61.28 10.82
C ASN D 83 32.95 -61.62 10.71
N SER D 84 33.57 -61.37 9.57
CA SER D 84 34.94 -61.81 9.35
C SER D 84 35.95 -60.90 10.04
N LEU D 85 35.89 -59.61 9.75
CA LEU D 85 36.78 -58.60 10.33
C LEU D 85 38.25 -58.87 9.98
N LYS D 86 38.50 -58.99 8.68
CA LYS D 86 39.85 -59.10 8.19
C LYS D 86 40.56 -57.76 8.33
N PRO D 87 41.90 -57.75 8.30
CA PRO D 87 42.62 -56.47 8.35
C PRO D 87 42.33 -55.56 7.17
N GLU D 88 41.81 -56.10 6.06
CA GLU D 88 41.49 -55.29 4.90
C GLU D 88 40.30 -54.37 5.11
N ASP D 89 39.56 -54.54 6.21
CA ASP D 89 38.40 -53.71 6.50
C ASP D 89 38.59 -52.90 7.78
N THR D 90 39.84 -52.58 8.12
CA THR D 90 40.16 -51.75 9.28
C THR D 90 40.29 -50.31 8.81
N ALA D 91 39.28 -49.51 9.08
CA ALA D 91 39.25 -48.12 8.64
C ALA D 91 38.21 -47.37 9.48
N VAL D 92 37.89 -46.16 9.06
CA VAL D 92 36.86 -45.35 9.72
C VAL D 92 35.60 -45.42 8.88
N TYR D 93 34.47 -45.73 9.53
CA TYR D 93 33.21 -45.96 8.84
C TYR D 93 32.28 -44.78 9.09
N TYR D 94 31.90 -44.10 8.01
CA TYR D 94 30.91 -43.04 8.05
C TYR D 94 29.56 -43.63 7.65
N CYS D 95 28.54 -43.39 8.47
CA CYS D 95 27.20 -43.84 8.15
C CYS D 95 26.47 -42.71 7.43
N ALA D 96 26.24 -42.89 6.14
CA ALA D 96 25.60 -41.87 5.33
C ALA D 96 24.09 -42.02 5.36
N ALA D 97 23.40 -41.11 4.68
CA ALA D 97 21.95 -41.18 4.53
C ALA D 97 21.59 -40.41 3.27
N TRP D 98 21.33 -41.14 2.19
CA TRP D 98 21.17 -40.55 0.86
C TRP D 98 19.78 -40.85 0.32
N GLY D 99 19.19 -39.85 -0.32
CA GLY D 99 17.88 -40.02 -0.91
C GLY D 99 17.39 -38.72 -1.52
N GLY D 100 16.17 -38.77 -2.05
CA GLY D 100 15.58 -37.64 -2.73
C GLY D 100 15.26 -38.00 -4.17
N ARG D 101 13.98 -37.93 -4.55
CA ARG D 101 13.58 -38.39 -5.87
C ARG D 101 14.07 -37.44 -6.96
N THR D 102 13.86 -36.13 -6.77
CA THR D 102 14.32 -35.14 -7.73
C THR D 102 15.58 -34.41 -7.25
N LEU D 103 15.52 -33.79 -6.08
CA LEU D 103 16.68 -33.15 -5.48
C LEU D 103 17.33 -34.12 -4.53
N TYR D 104 18.60 -34.43 -4.76
CA TYR D 104 19.31 -35.44 -4.01
C TYR D 104 20.07 -34.79 -2.85
N PHE D 105 19.95 -35.42 -1.68
CA PHE D 105 20.64 -34.96 -0.48
C PHE D 105 21.41 -36.12 0.13
N VAL D 106 22.57 -35.82 0.70
CA VAL D 106 23.39 -36.81 1.38
C VAL D 106 23.78 -36.27 2.74
N TYR D 107 23.54 -37.05 3.79
CA TYR D 107 23.96 -36.73 5.14
C TYR D 107 25.09 -37.68 5.51
N TRP D 108 26.16 -37.14 6.09
CA TRP D 108 27.34 -37.94 6.44
C TRP D 108 27.46 -38.02 7.95
N GLY D 109 27.92 -39.18 8.43
CA GLY D 109 28.10 -39.40 9.85
C GLY D 109 29.42 -38.85 10.36
N GLN D 110 29.59 -38.92 11.68
CA GLN D 110 30.79 -38.41 12.31
C GLN D 110 32.03 -39.18 11.84
N GLY D 111 31.92 -40.50 11.74
CA GLY D 111 33.05 -41.33 11.37
C GLY D 111 33.64 -42.07 12.55
N THR D 112 33.34 -43.37 12.64
CA THR D 112 33.79 -44.21 13.74
C THR D 112 34.93 -45.11 13.26
N GLN D 113 36.04 -45.08 13.99
CA GLN D 113 37.19 -45.91 13.65
C GLN D 113 37.06 -47.28 14.30
N VAL D 114 37.46 -48.32 13.57
CA VAL D 114 37.41 -49.68 14.08
C VAL D 114 38.81 -50.17 14.39
#